data_4N2Y
#
_entry.id   4N2Y
#
_cell.length_a   36.563
_cell.length_b   116.859
_cell.length_c   87.147
_cell.angle_alpha   90.00
_cell.angle_beta   90.12
_cell.angle_gamma   90.00
#
_symmetry.space_group_name_H-M   'P 1 21 1'
#
loop_
_entity.id
_entity.type
_entity.pdbx_description
1 polymer "Orotidine 5'-phosphate decarboxylase"
2 non-polymer GLYCEROL
3 water water
#
_entity_poly.entity_id   1
_entity_poly.type   'polypeptide(L)'
_entity_poly.pdbx_seq_one_letter_code
;MGSSHHHHHHSSGLVPRGSHMKQLILALDVMDGEKAMEIAKKVAEHVDRIKVNYPLVLSAGVGIMKRLSEIKPVIADFKI
ADVPYTSSLIARIAFENSAESVIVHGFVGSDTLREVCRVAEEFGGKVYAVTELSSPGGEEFMSAVSLKIVEKAKEAGCHG
LIAPSTRIERLREIRKAAGDMEILCPGIGAQKGSIEAVKYADGIIVGRGIYASGNPAEEARKLRRVLKI
;
_entity_poly.pdbx_strand_id   A,B,C,D
#
# COMPACT_ATOMS: atom_id res chain seq x y z
N MET A 21 -12.68 14.75 -41.01
CA MET A 21 -11.71 14.07 -40.16
C MET A 21 -12.11 14.16 -38.68
N LYS A 22 -13.41 14.15 -38.41
CA LYS A 22 -13.87 14.22 -37.02
C LYS A 22 -13.68 12.88 -36.33
N GLN A 23 -13.47 12.95 -35.02
CA GLN A 23 -13.06 11.78 -34.24
C GLN A 23 -14.10 11.30 -33.26
N LEU A 24 -14.07 9.99 -33.00
CA LEU A 24 -14.77 9.41 -31.88
C LEU A 24 -13.67 9.00 -30.90
N ILE A 25 -13.73 9.54 -29.69
CA ILE A 25 -12.67 9.36 -28.70
C ILE A 25 -13.27 8.61 -27.52
N LEU A 26 -12.61 7.53 -27.10
CA LEU A 26 -13.13 6.69 -26.03
C LEU A 26 -12.52 7.09 -24.70
N ALA A 27 -13.39 7.54 -23.79
CA ALA A 27 -12.96 7.80 -22.42
C ALA A 27 -12.97 6.46 -21.72
N LEU A 28 -11.79 5.85 -21.62
CA LEU A 28 -11.66 4.47 -21.18
C LEU A 28 -11.57 4.39 -19.66
N ASP A 29 -12.69 4.71 -19.01
CA ASP A 29 -12.73 4.88 -17.57
C ASP A 29 -13.13 3.58 -16.90
N VAL A 30 -12.32 2.57 -17.10
CA VAL A 30 -12.42 1.34 -16.32
C VAL A 30 -11.19 1.37 -15.43
N MET A 31 -11.23 0.64 -14.32
CA MET A 31 -10.10 0.72 -13.41
C MET A 31 -9.16 -0.48 -13.49
N ASP A 32 -9.56 -1.50 -14.23
CA ASP A 32 -8.70 -2.66 -14.43
C ASP A 32 -7.91 -2.49 -15.72
N GLY A 33 -6.59 -2.38 -15.62
CA GLY A 33 -5.74 -2.15 -16.78
C GLY A 33 -5.82 -3.22 -17.86
N GLU A 34 -6.01 -4.47 -17.46
CA GLU A 34 -6.09 -5.57 -18.43
C GLU A 34 -7.41 -5.51 -19.17
N LYS A 35 -8.47 -5.18 -18.44
CA LYS A 35 -9.76 -4.96 -19.08
C LYS A 35 -9.71 -3.76 -20.02
N ALA A 36 -9.03 -2.71 -19.59
CA ALA A 36 -8.85 -1.53 -20.44
C ALA A 36 -8.17 -1.91 -21.76
N MET A 37 -7.11 -2.70 -21.67
CA MET A 37 -6.40 -3.13 -22.87
C MET A 37 -7.28 -3.97 -23.79
N GLU A 38 -8.08 -4.86 -23.19
CA GLU A 38 -8.98 -5.72 -23.96
C GLU A 38 -9.99 -4.90 -24.77
N ILE A 39 -10.61 -3.94 -24.10
CA ILE A 39 -11.56 -3.03 -24.75
C ILE A 39 -10.91 -2.19 -25.85
N ALA A 40 -9.75 -1.61 -25.55
CA ALA A 40 -9.03 -0.81 -26.54
C ALA A 40 -8.77 -1.59 -27.83
N LYS A 41 -8.30 -2.83 -27.70
CA LYS A 41 -8.06 -3.66 -28.87
C LYS A 41 -9.36 -3.89 -29.66
N LYS A 42 -10.44 -4.16 -28.94
CA LYS A 42 -11.73 -4.42 -29.58
C LYS A 42 -12.28 -3.27 -30.42
N VAL A 43 -11.98 -2.03 -30.03
CA VAL A 43 -12.60 -0.88 -30.69
C VAL A 43 -11.68 -0.17 -31.68
N ALA A 44 -10.56 -0.79 -32.02
CA ALA A 44 -9.52 -0.08 -32.79
C ALA A 44 -9.99 0.34 -34.19
N GLU A 45 -10.94 -0.38 -34.77
CA GLU A 45 -11.42 -0.02 -36.09
C GLU A 45 -12.30 1.22 -36.10
N HIS A 46 -12.87 1.57 -34.95
CA HIS A 46 -13.94 2.55 -34.90
C HIS A 46 -13.65 3.78 -34.05
N VAL A 47 -12.64 3.68 -33.19
CA VAL A 47 -12.26 4.78 -32.29
C VAL A 47 -10.92 5.39 -32.74
N ASP A 48 -10.81 6.72 -32.67
CA ASP A 48 -9.60 7.40 -33.13
C ASP A 48 -8.53 7.61 -32.06
N ARG A 49 -8.97 7.83 -30.82
CA ARG A 49 -8.06 8.11 -29.72
C ARG A 49 -8.67 7.60 -28.44
N ILE A 50 -7.80 7.36 -27.45
CA ILE A 50 -8.27 6.90 -26.16
C ILE A 50 -7.90 7.94 -25.12
N LYS A 51 -8.85 8.31 -24.27
CA LYS A 51 -8.58 9.24 -23.19
C LYS A 51 -8.59 8.49 -21.86
N VAL A 52 -7.54 8.67 -21.06
CA VAL A 52 -7.47 8.07 -19.74
C VAL A 52 -7.52 9.12 -18.64
N ASN A 53 -7.95 8.70 -17.46
CA ASN A 53 -8.07 9.60 -16.33
C ASN A 53 -7.35 8.95 -15.14
N TYR A 54 -7.39 9.62 -14.00
CA TYR A 54 -6.67 9.18 -12.83
C TYR A 54 -7.13 7.86 -12.18
N PRO A 55 -8.43 7.56 -12.15
CA PRO A 55 -8.76 6.27 -11.52
C PRO A 55 -8.08 5.09 -12.21
N LEU A 56 -8.09 5.07 -13.54
CA LEU A 56 -7.34 4.03 -14.26
C LEU A 56 -5.83 4.12 -14.00
N VAL A 57 -5.27 5.32 -14.15
CA VAL A 57 -3.82 5.49 -14.01
C VAL A 57 -3.31 5.18 -12.58
N LEU A 58 -4.06 5.56 -11.57
CA LEU A 58 -3.67 5.24 -10.19
C LEU A 58 -3.83 3.75 -9.89
N SER A 59 -4.82 3.11 -10.51
CA SER A 59 -5.06 1.69 -10.24
C SER A 59 -4.05 0.81 -10.97
N ALA A 60 -3.80 1.13 -12.24
CA ALA A 60 -2.97 0.27 -13.08
C ALA A 60 -1.51 0.71 -13.15
N GLY A 61 -1.24 1.93 -12.69
CA GLY A 61 0.07 2.52 -12.87
C GLY A 61 0.14 3.37 -14.13
N VAL A 62 0.96 4.41 -14.09
CA VAL A 62 1.07 5.33 -15.22
C VAL A 62 1.56 4.61 -16.48
N GLY A 63 2.23 3.47 -16.32
CA GLY A 63 2.68 2.68 -17.44
C GLY A 63 1.58 2.10 -18.29
N ILE A 64 0.34 2.10 -17.77
CA ILE A 64 -0.79 1.69 -18.58
C ILE A 64 -0.92 2.61 -19.80
N MET A 65 -0.46 3.84 -19.69
CA MET A 65 -0.54 4.77 -20.83
C MET A 65 0.40 4.35 -21.96
N LYS A 66 1.58 3.85 -21.62
CA LYS A 66 2.50 3.34 -22.63
C LYS A 66 1.88 2.14 -23.34
N ARG A 67 1.29 1.22 -22.57
CA ARG A 67 0.64 0.05 -23.16
C ARG A 67 -0.51 0.48 -24.09
N LEU A 68 -1.33 1.40 -23.63
CA LEU A 68 -2.45 1.83 -24.46
C LEU A 68 -1.97 2.58 -25.70
N SER A 69 -0.84 3.27 -25.57
CA SER A 69 -0.32 4.09 -26.69
C SER A 69 0.12 3.21 -27.86
N GLU A 70 0.25 1.91 -27.63
CA GLU A 70 0.56 0.97 -28.69
C GLU A 70 -0.68 0.53 -29.45
N ILE A 71 -1.85 0.96 -28.97
CA ILE A 71 -3.11 0.64 -29.63
C ILE A 71 -3.74 1.90 -30.27
N LYS A 72 -3.73 3.01 -29.54
CA LYS A 72 -4.28 4.30 -30.00
C LYS A 72 -3.48 5.45 -29.38
N PRO A 73 -3.49 6.64 -30.05
CA PRO A 73 -2.93 7.81 -29.34
C PRO A 73 -3.71 8.05 -28.05
N VAL A 74 -3.00 8.43 -26.99
CA VAL A 74 -3.58 8.53 -25.67
C VAL A 74 -3.62 9.97 -25.16
N ILE A 75 -4.81 10.42 -24.76
CA ILE A 75 -4.99 11.75 -24.15
C ILE A 75 -5.02 11.57 -22.64
N ALA A 76 -4.09 12.20 -21.92
CA ALA A 76 -4.07 12.06 -20.47
C ALA A 76 -5.00 13.12 -19.87
N ASP A 77 -6.22 12.73 -19.50
CA ASP A 77 -7.17 13.66 -18.91
C ASP A 77 -6.87 13.73 -17.41
N PHE A 78 -5.87 14.55 -17.07
CA PHE A 78 -5.45 14.69 -15.68
C PHE A 78 -5.99 15.97 -15.06
N LYS A 79 -6.86 16.69 -15.80
CA LYS A 79 -7.45 17.93 -15.29
C LYS A 79 -6.43 18.78 -14.55
N ILE A 80 -5.28 19.01 -15.20
CA ILE A 80 -4.13 19.58 -14.51
C ILE A 80 -4.50 20.96 -13.95
N ALA A 81 -4.28 21.15 -12.65
CA ALA A 81 -4.89 22.29 -11.98
C ALA A 81 -4.02 22.73 -10.81
N ASP A 82 -2.72 22.90 -11.07
CA ASP A 82 -1.82 23.32 -10.00
C ASP A 82 -1.00 24.51 -10.43
N VAL A 83 -0.12 24.96 -9.55
CA VAL A 83 0.82 26.04 -9.89
C VAL A 83 1.70 25.56 -11.03
N PRO A 84 2.33 26.49 -11.75
CA PRO A 84 3.08 26.13 -12.97
C PRO A 84 4.07 25.00 -12.82
N TYR A 85 4.87 24.98 -11.76
CA TYR A 85 5.90 23.96 -11.62
C TYR A 85 5.34 22.56 -11.46
N THR A 86 4.39 22.40 -10.53
CA THR A 86 3.78 21.10 -10.31
C THR A 86 3.03 20.64 -11.56
N SER A 87 2.30 21.56 -12.16
CA SER A 87 1.56 21.28 -13.38
C SER A 87 2.51 20.82 -14.49
N SER A 88 3.67 21.47 -14.56
CA SER A 88 4.68 21.11 -15.54
C SER A 88 5.16 19.67 -15.38
N LEU A 89 5.46 19.30 -14.14
CA LEU A 89 5.93 17.96 -13.83
C LEU A 89 4.89 16.89 -14.18
N ILE A 90 3.61 17.18 -13.89
CA ILE A 90 2.55 16.22 -14.16
C ILE A 90 2.46 16.00 -15.66
N ALA A 91 2.48 17.09 -16.42
CA ALA A 91 2.43 17.00 -17.88
C ALA A 91 3.63 16.21 -18.40
N ARG A 92 4.81 16.55 -17.88
CA ARG A 92 6.04 15.90 -18.33
C ARG A 92 5.94 14.40 -18.10
N ILE A 93 5.44 14.00 -16.93
CA ILE A 93 5.31 12.56 -16.63
C ILE A 93 4.36 11.88 -17.60
N ALA A 94 3.27 12.56 -17.94
CA ALA A 94 2.31 12.03 -18.88
C ALA A 94 2.99 11.78 -20.23
N PHE A 95 3.75 12.77 -20.70
CA PHE A 95 4.42 12.64 -22.00
C PHE A 95 5.58 11.63 -21.97
N GLU A 96 6.26 11.53 -20.84
CA GLU A 96 7.29 10.50 -20.69
C GLU A 96 6.68 9.09 -20.73
N ASN A 97 5.39 9.01 -20.42
CA ASN A 97 4.67 7.74 -20.50
C ASN A 97 3.82 7.63 -21.77
N SER A 98 4.25 8.35 -22.81
CA SER A 98 3.75 8.19 -24.17
C SER A 98 2.39 8.81 -24.47
N ALA A 99 1.90 9.71 -23.62
CA ALA A 99 0.68 10.42 -23.96
C ALA A 99 0.92 11.26 -25.18
N GLU A 100 -0.10 11.39 -26.00
N GLU A 100 -0.10 11.40 -26.01
CA GLU A 100 -0.06 12.27 -27.16
CA GLU A 100 -0.02 12.29 -27.17
C GLU A 100 -0.41 13.68 -26.73
C GLU A 100 -0.50 13.68 -26.80
N SER A 101 -1.25 13.79 -25.71
CA SER A 101 -1.72 15.08 -25.26
C SER A 101 -2.11 15.00 -23.79
N VAL A 102 -2.29 16.18 -23.17
CA VAL A 102 -2.78 16.28 -21.80
C VAL A 102 -3.91 17.30 -21.73
N ILE A 103 -4.74 17.18 -20.69
CA ILE A 103 -5.82 18.14 -20.48
C ILE A 103 -5.51 18.97 -19.22
N VAL A 104 -5.63 20.28 -19.36
CA VAL A 104 -5.32 21.22 -18.29
C VAL A 104 -6.56 22.09 -18.04
N HIS A 105 -6.76 22.52 -16.80
CA HIS A 105 -7.80 23.48 -16.48
C HIS A 105 -7.36 24.90 -16.78
N GLY A 106 -8.13 25.60 -17.60
CA GLY A 106 -7.81 27.00 -17.87
C GLY A 106 -8.04 27.89 -16.66
N PHE A 107 -8.87 27.44 -15.73
N PHE A 107 -8.88 27.45 -15.73
CA PHE A 107 -9.29 28.27 -14.61
CA PHE A 107 -9.26 28.34 -14.62
C PHE A 107 -8.14 28.67 -13.70
C PHE A 107 -8.09 28.71 -13.71
N VAL A 108 -7.08 27.85 -13.66
CA VAL A 108 -5.95 28.09 -12.78
C VAL A 108 -4.99 29.17 -13.29
N GLY A 109 -5.20 29.63 -14.52
CA GLY A 109 -4.48 30.80 -15.02
C GLY A 109 -3.45 30.62 -16.12
N SER A 110 -3.05 31.74 -16.71
CA SER A 110 -2.18 31.76 -17.88
C SER A 110 -0.76 31.24 -17.68
N ASP A 111 -0.22 31.37 -16.47
CA ASP A 111 1.13 30.90 -16.21
C ASP A 111 1.19 29.39 -16.34
N THR A 112 0.20 28.72 -15.78
CA THR A 112 0.14 27.28 -15.91
C THR A 112 -0.18 26.86 -17.35
N LEU A 113 -1.07 27.59 -18.03
CA LEU A 113 -1.33 27.26 -19.43
C LEU A 113 -0.07 27.39 -20.28
N ARG A 114 0.66 28.50 -20.13
CA ARG A 114 1.86 28.70 -20.94
C ARG A 114 2.89 27.61 -20.67
N GLU A 115 3.07 27.29 -19.40
CA GLU A 115 4.09 26.32 -19.03
C GLU A 115 3.75 24.91 -19.55
N VAL A 116 2.53 24.45 -19.30
CA VAL A 116 2.13 23.13 -19.76
C VAL A 116 2.09 23.04 -21.29
N CYS A 117 1.62 24.10 -21.93
CA CYS A 117 1.53 24.07 -23.39
C CYS A 117 2.92 24.07 -24.03
N ARG A 118 3.88 24.77 -23.41
CA ARG A 118 5.26 24.72 -23.89
C ARG A 118 5.90 23.33 -23.66
N VAL A 119 5.72 22.77 -22.47
CA VAL A 119 6.20 21.42 -22.21
C VAL A 119 5.66 20.40 -23.22
N ALA A 120 4.36 20.47 -23.50
CA ALA A 120 3.75 19.57 -24.49
C ALA A 120 4.46 19.68 -25.84
N GLU A 121 4.71 20.91 -26.28
CA GLU A 121 5.36 21.10 -27.58
C GLU A 121 6.79 20.57 -27.58
N GLU A 122 7.45 20.62 -26.43
CA GLU A 122 8.77 20.03 -26.30
C GLU A 122 8.76 18.50 -26.46
N PHE A 123 7.60 17.88 -26.28
CA PHE A 123 7.43 16.44 -26.51
C PHE A 123 6.70 16.14 -27.82
N GLY A 124 6.43 17.17 -28.61
CA GLY A 124 5.71 16.98 -29.86
C GLY A 124 4.24 16.68 -29.64
N GLY A 125 3.73 17.06 -28.46
CA GLY A 125 2.36 16.74 -28.08
C GLY A 125 1.45 17.95 -28.02
N LYS A 126 0.23 17.72 -27.56
CA LYS A 126 -0.80 18.75 -27.57
C LYS A 126 -1.39 18.96 -26.20
N VAL A 127 -2.00 20.13 -26.00
CA VAL A 127 -2.73 20.41 -24.78
C VAL A 127 -4.15 20.87 -25.11
N TYR A 128 -5.12 20.36 -24.38
CA TYR A 128 -6.50 20.84 -24.47
C TYR A 128 -6.87 21.47 -23.14
N ALA A 129 -7.39 22.70 -23.18
CA ALA A 129 -7.75 23.44 -21.99
C ALA A 129 -9.24 23.29 -21.71
N VAL A 130 -9.59 22.98 -20.46
CA VAL A 130 -10.99 22.86 -20.10
C VAL A 130 -11.62 24.24 -20.01
N THR A 131 -12.73 24.44 -20.71
CA THR A 131 -13.50 25.68 -20.61
C THR A 131 -14.47 25.62 -19.42
N GLU A 132 -15.28 24.56 -19.37
CA GLU A 132 -16.21 24.35 -18.28
C GLU A 132 -16.55 22.86 -18.25
N LEU A 133 -16.71 22.30 -17.06
CA LEU A 133 -17.11 20.88 -16.94
C LEU A 133 -18.56 20.70 -17.35
N SER A 134 -18.88 19.50 -17.84
CA SER A 134 -20.23 19.20 -18.30
C SER A 134 -21.22 18.91 -17.17
N SER A 135 -20.73 18.87 -15.93
CA SER A 135 -21.56 18.60 -14.77
C SER A 135 -22.29 19.87 -14.34
N PRO A 136 -23.37 19.73 -13.54
CA PRO A 136 -24.11 20.93 -13.11
C PRO A 136 -23.24 21.94 -12.38
N GLY A 137 -22.28 21.46 -11.59
CA GLY A 137 -21.40 22.33 -10.83
C GLY A 137 -20.55 23.24 -11.70
N GLY A 138 -20.34 22.82 -12.95
CA GLY A 138 -19.62 23.63 -13.91
C GLY A 138 -20.27 24.98 -14.14
N GLU A 139 -21.58 25.07 -13.88
CA GLU A 139 -22.32 26.31 -14.05
C GLU A 139 -22.03 27.36 -12.98
N GLU A 140 -21.57 26.92 -11.81
CA GLU A 140 -21.39 27.79 -10.66
C GLU A 140 -20.29 28.82 -10.83
N PHE A 141 -19.11 28.38 -11.25
CA PHE A 141 -17.98 29.28 -11.44
C PHE A 141 -17.39 29.24 -12.86
N MET A 142 -17.37 28.06 -13.47
CA MET A 142 -16.68 27.91 -14.75
C MET A 142 -17.38 28.57 -15.93
N SER A 143 -18.69 28.41 -16.01
CA SER A 143 -19.49 28.97 -17.10
C SER A 143 -19.21 30.46 -17.30
N ALA A 144 -19.10 31.19 -16.19
CA ALA A 144 -18.91 32.64 -16.25
C ALA A 144 -17.58 33.08 -16.84
N VAL A 145 -16.58 32.19 -16.84
CA VAL A 145 -15.27 32.56 -17.38
C VAL A 145 -14.86 31.70 -18.57
N SER A 146 -15.78 30.88 -19.05
CA SER A 146 -15.46 29.94 -20.12
C SER A 146 -14.88 30.62 -21.38
N LEU A 147 -15.50 31.72 -21.81
CA LEU A 147 -15.05 32.39 -23.03
C LEU A 147 -13.71 33.11 -22.80
N LYS A 148 -13.49 33.60 -21.60
CA LYS A 148 -12.19 34.18 -21.26
C LYS A 148 -11.09 33.12 -21.24
N ILE A 149 -11.43 31.90 -20.80
CA ILE A 149 -10.49 30.79 -20.83
C ILE A 149 -10.04 30.52 -22.26
N VAL A 150 -10.99 30.54 -23.18
CA VAL A 150 -10.69 30.29 -24.60
C VAL A 150 -9.59 31.23 -25.07
N GLU A 151 -9.73 32.52 -24.80
CA GLU A 151 -8.74 33.52 -25.22
C GLU A 151 -7.40 33.35 -24.51
N LYS A 152 -7.43 32.99 -23.22
CA LYS A 152 -6.18 32.77 -22.49
C LYS A 152 -5.45 31.56 -23.06
N ALA A 153 -6.21 30.50 -23.39
CA ALA A 153 -5.61 29.29 -23.93
C ALA A 153 -5.02 29.54 -25.32
N LYS A 154 -5.73 30.31 -26.14
CA LYS A 154 -5.24 30.67 -27.46
C LYS A 154 -3.95 31.46 -27.32
N GLU A 155 -3.96 32.48 -26.47
CA GLU A 155 -2.81 33.37 -26.27
C GLU A 155 -1.61 32.64 -25.68
N ALA A 156 -1.87 31.60 -24.89
CA ALA A 156 -0.82 30.81 -24.24
C ALA A 156 -0.21 29.78 -25.20
N GLY A 157 -0.75 29.72 -26.41
CA GLY A 157 -0.24 28.82 -27.43
C GLY A 157 -0.78 27.40 -27.37
N CYS A 158 -1.87 27.20 -26.66
CA CYS A 158 -2.45 25.86 -26.52
C CYS A 158 -3.18 25.41 -27.78
N HIS A 159 -3.23 24.10 -28.01
CA HIS A 159 -3.71 23.54 -29.27
C HIS A 159 -5.23 23.42 -29.34
N GLY A 160 -5.85 23.16 -28.20
CA GLY A 160 -7.25 22.78 -28.23
C GLY A 160 -8.01 23.08 -26.96
N LEU A 161 -9.28 22.68 -26.96
CA LEU A 161 -10.20 22.95 -25.87
C LEU A 161 -11.08 21.74 -25.60
N ILE A 162 -11.49 21.60 -24.34
CA ILE A 162 -12.56 20.66 -23.99
C ILE A 162 -13.79 21.51 -23.67
N ALA A 163 -14.92 21.18 -24.29
CA ALA A 163 -16.15 21.94 -24.04
C ALA A 163 -17.36 21.00 -24.04
N PRO A 164 -18.39 21.30 -23.24
CA PRO A 164 -19.58 20.44 -23.18
C PRO A 164 -20.33 20.39 -24.51
N SER A 165 -20.93 19.24 -24.80
CA SER A 165 -21.88 19.15 -25.91
C SER A 165 -23.29 19.46 -25.41
N THR A 166 -23.43 19.53 -24.09
CA THR A 166 -24.73 19.64 -23.41
C THR A 166 -25.32 21.02 -23.58
N ARG A 167 -24.44 22.01 -23.70
CA ARG A 167 -24.85 23.40 -23.74
C ARG A 167 -24.54 23.93 -25.14
N ILE A 168 -25.49 23.74 -26.05
CA ILE A 168 -25.20 23.94 -27.47
C ILE A 168 -24.90 25.39 -27.82
N GLU A 169 -25.69 26.31 -27.27
CA GLU A 169 -25.49 27.74 -27.49
C GLU A 169 -24.08 28.14 -27.03
N ARG A 170 -23.68 27.64 -25.87
CA ARG A 170 -22.34 27.91 -25.35
C ARG A 170 -21.26 27.30 -26.27
N LEU A 171 -21.51 26.10 -26.79
CA LEU A 171 -20.51 25.47 -27.66
C LEU A 171 -20.32 26.31 -28.92
N ARG A 172 -21.43 26.84 -29.44
CA ARG A 172 -21.35 27.74 -30.58
C ARG A 172 -20.49 28.97 -30.26
N GLU A 173 -20.68 29.53 -29.06
CA GLU A 173 -19.90 30.70 -28.64
C GLU A 173 -18.41 30.37 -28.54
N ILE A 174 -18.12 29.19 -27.99
CA ILE A 174 -16.76 28.74 -27.84
C ILE A 174 -16.09 28.55 -29.22
N ARG A 175 -16.80 27.91 -30.14
CA ARG A 175 -16.27 27.71 -31.49
C ARG A 175 -15.96 29.05 -32.15
N LYS A 176 -16.86 30.01 -32.00
CA LYS A 176 -16.64 31.35 -32.55
C LYS A 176 -15.36 31.96 -31.96
N ALA A 177 -15.21 31.85 -30.65
CA ALA A 177 -14.07 32.44 -29.94
C ALA A 177 -12.78 31.67 -30.21
N ALA A 178 -12.91 30.38 -30.47
CA ALA A 178 -11.74 29.50 -30.63
C ALA A 178 -11.11 29.62 -32.01
N GLY A 179 -11.90 30.08 -32.98
CA GLY A 179 -11.45 30.10 -34.35
C GLY A 179 -11.23 28.69 -34.85
N ASP A 180 -9.97 28.34 -35.11
CA ASP A 180 -9.66 27.01 -35.63
C ASP A 180 -9.05 26.04 -34.59
N MET A 181 -8.99 26.44 -33.32
CA MET A 181 -8.51 25.53 -32.28
C MET A 181 -9.32 24.25 -32.30
N GLU A 182 -8.69 23.15 -31.92
CA GLU A 182 -9.39 21.88 -31.91
C GLU A 182 -10.30 21.83 -30.70
N ILE A 183 -11.55 21.40 -30.89
CA ILE A 183 -12.46 21.27 -29.77
C ILE A 183 -12.95 19.84 -29.60
N LEU A 184 -12.76 19.28 -28.40
CA LEU A 184 -13.30 17.96 -28.07
C LEU A 184 -14.44 18.11 -27.06
N CYS A 185 -15.53 17.37 -27.29
CA CYS A 185 -16.73 17.50 -26.46
C CYS A 185 -17.15 16.16 -25.87
N PRO A 186 -17.20 16.08 -24.53
CA PRO A 186 -17.78 14.91 -23.89
C PRO A 186 -19.27 14.80 -24.25
N GLY A 187 -19.72 13.58 -24.54
CA GLY A 187 -21.12 13.35 -24.87
C GLY A 187 -21.53 11.92 -24.55
N ILE A 188 -22.76 11.76 -24.09
CA ILE A 188 -23.26 10.44 -23.70
C ILE A 188 -23.24 9.46 -24.87
N GLY A 189 -23.44 9.98 -26.08
CA GLY A 189 -23.50 9.14 -27.26
C GLY A 189 -24.92 8.64 -27.45
N ALA A 190 -25.36 8.56 -28.70
CA ALA A 190 -26.74 8.21 -29.03
C ALA A 190 -27.72 9.18 -28.36
N GLN A 191 -27.27 10.40 -28.14
CA GLN A 191 -28.10 11.45 -27.54
C GLN A 191 -27.96 12.73 -28.35
N LYS A 192 -29.04 13.49 -28.45
CA LYS A 192 -29.12 14.64 -29.35
C LYS A 192 -28.05 15.70 -29.16
N GLY A 193 -27.62 15.92 -27.93
CA GLY A 193 -26.57 16.87 -27.63
C GLY A 193 -25.30 16.54 -28.40
N SER A 194 -24.96 15.26 -28.42
CA SER A 194 -23.79 14.80 -29.15
C SER A 194 -23.95 15.00 -30.66
N ILE A 195 -25.11 14.65 -31.20
CA ILE A 195 -25.36 14.79 -32.64
C ILE A 195 -25.27 16.24 -33.11
N GLU A 196 -25.88 17.14 -32.34
CA GLU A 196 -25.88 18.56 -32.68
C GLU A 196 -24.48 19.17 -32.56
N ALA A 197 -23.71 18.66 -31.58
CA ALA A 197 -22.38 19.19 -31.27
C ALA A 197 -21.38 18.89 -32.37
N VAL A 198 -21.65 17.84 -33.14
CA VAL A 198 -20.75 17.40 -34.20
C VAL A 198 -20.36 18.52 -35.17
N LYS A 199 -21.32 19.39 -35.52
CA LYS A 199 -21.03 20.51 -36.41
C LYS A 199 -19.90 21.41 -35.91
N TYR A 200 -19.78 21.53 -34.59
CA TYR A 200 -18.88 22.51 -33.99
C TYR A 200 -17.63 21.86 -33.41
N ALA A 201 -17.70 20.54 -33.23
CA ALA A 201 -16.65 19.80 -32.54
C ALA A 201 -15.72 19.11 -33.51
N ASP A 202 -14.47 18.93 -33.10
CA ASP A 202 -13.54 18.14 -33.89
C ASP A 202 -13.51 16.69 -33.44
N GLY A 203 -14.02 16.45 -32.23
CA GLY A 203 -14.12 15.09 -31.73
C GLY A 203 -15.18 15.00 -30.65
N ILE A 204 -15.83 13.85 -30.58
CA ILE A 204 -16.83 13.57 -29.57
C ILE A 204 -16.27 12.49 -28.64
N ILE A 205 -16.25 12.78 -27.36
CA ILE A 205 -15.74 11.84 -26.36
C ILE A 205 -16.89 11.04 -25.76
N VAL A 206 -16.83 9.72 -25.88
CA VAL A 206 -17.85 8.84 -25.30
C VAL A 206 -17.18 7.86 -24.31
N GLY A 207 -17.83 7.61 -23.19
CA GLY A 207 -17.27 6.69 -22.20
C GLY A 207 -18.04 5.40 -22.06
N ARG A 208 -18.75 5.28 -20.94
CA ARG A 208 -19.41 4.04 -20.53
C ARG A 208 -20.36 3.43 -21.58
N GLY A 209 -20.98 4.26 -22.40
CA GLY A 209 -21.82 3.78 -23.49
C GLY A 209 -21.09 2.76 -24.34
N ILE A 210 -19.80 2.99 -24.54
CA ILE A 210 -18.96 2.02 -25.25
C ILE A 210 -18.34 0.99 -24.31
N TYR A 211 -17.63 1.43 -23.28
CA TYR A 211 -16.80 0.50 -22.53
C TYR A 211 -17.57 -0.43 -21.62
N ALA A 212 -18.79 -0.06 -21.27
CA ALA A 212 -19.60 -0.91 -20.40
C ALA A 212 -20.56 -1.78 -21.19
N SER A 213 -20.50 -1.66 -22.52
CA SER A 213 -21.36 -2.48 -23.38
C SER A 213 -20.90 -3.94 -23.39
N GLY A 214 -21.84 -4.85 -23.62
CA GLY A 214 -21.50 -6.25 -23.84
C GLY A 214 -20.74 -6.46 -25.14
N ASN A 215 -20.87 -5.50 -26.06
CA ASN A 215 -20.15 -5.54 -27.32
C ASN A 215 -19.64 -4.15 -27.66
N PRO A 216 -18.48 -3.79 -27.11
CA PRO A 216 -17.95 -2.43 -27.29
C PRO A 216 -17.65 -2.11 -28.75
N ALA A 217 -17.19 -3.09 -29.53
CA ALA A 217 -16.88 -2.85 -30.93
C ALA A 217 -18.14 -2.45 -31.70
N GLU A 218 -19.23 -3.17 -31.47
CA GLU A 218 -20.48 -2.88 -32.15
C GLU A 218 -21.03 -1.52 -31.73
N GLU A 219 -20.90 -1.19 -30.45
CA GLU A 219 -21.41 0.07 -29.95
C GLU A 219 -20.64 1.25 -30.54
N ALA A 220 -19.32 1.10 -30.64
CA ALA A 220 -18.50 2.14 -31.23
C ALA A 220 -18.89 2.36 -32.69
N ARG A 221 -19.10 1.26 -33.41
CA ARG A 221 -19.49 1.32 -34.81
C ARG A 221 -20.82 2.03 -34.98
N LYS A 222 -21.80 1.67 -34.14
CA LYS A 222 -23.11 2.30 -34.16
C LYS A 222 -23.03 3.80 -33.92
N LEU A 223 -22.22 4.21 -32.94
CA LEU A 223 -22.13 5.61 -32.56
C LEU A 223 -21.55 6.47 -33.68
N ARG A 224 -20.55 5.95 -34.40
CA ARG A 224 -20.00 6.66 -35.55
C ARG A 224 -21.10 6.96 -36.57
N ARG A 225 -21.96 5.98 -36.80
CA ARG A 225 -23.06 6.17 -37.75
C ARG A 225 -24.09 7.17 -37.23
N VAL A 226 -24.41 7.05 -35.95
CA VAL A 226 -25.36 7.95 -35.31
C VAL A 226 -24.86 9.40 -35.31
N LEU A 227 -23.56 9.58 -35.06
CA LEU A 227 -22.96 10.91 -35.02
C LEU A 227 -22.63 11.42 -36.42
N LYS A 228 -22.65 10.51 -37.39
CA LYS A 228 -22.32 10.81 -38.79
C LYS A 228 -20.89 11.32 -38.96
N ILE A 229 -19.96 10.60 -38.34
CA ILE A 229 -18.54 10.91 -38.47
C ILE A 229 -17.77 9.66 -38.90
N MET B 21 -2.62 23.55 19.11
CA MET B 21 -1.37 23.93 18.48
C MET B 21 -1.48 23.93 16.95
N LYS B 22 -0.93 24.96 16.33
CA LYS B 22 -0.91 25.02 14.87
C LYS B 22 0.03 23.94 14.34
N GLN B 23 -0.22 23.45 13.13
CA GLN B 23 0.57 22.34 12.64
C GLN B 23 1.68 22.73 11.66
N LEU B 24 2.69 21.87 11.62
CA LEU B 24 3.72 21.94 10.59
C LEU B 24 3.56 20.74 9.67
N ILE B 25 3.44 21.01 8.37
CA ILE B 25 3.18 19.98 7.37
C ILE B 25 4.30 20.00 6.36
N LEU B 26 4.85 18.82 6.06
CA LEU B 26 5.96 18.68 5.13
C LEU B 26 5.45 18.39 3.72
N ALA B 27 5.71 19.30 2.78
CA ALA B 27 5.44 19.02 1.38
C ALA B 27 6.59 18.19 0.85
N LEU B 28 6.32 16.92 0.57
CA LEU B 28 7.40 16.02 0.17
C LEU B 28 7.52 16.01 -1.35
N ASP B 29 8.09 17.09 -1.89
CA ASP B 29 8.06 17.30 -3.34
C ASP B 29 9.31 16.76 -4.04
N VAL B 30 9.42 15.45 -4.03
CA VAL B 30 10.40 14.73 -4.82
C VAL B 30 9.65 13.75 -5.70
N MET B 31 10.32 13.16 -6.67
CA MET B 31 9.67 12.16 -7.52
C MET B 31 10.15 10.74 -7.27
N ASP B 32 11.28 10.57 -6.59
CA ASP B 32 11.78 9.24 -6.30
C ASP B 32 11.21 8.72 -4.98
N GLY B 33 10.57 7.56 -5.04
CA GLY B 33 9.88 7.01 -3.88
C GLY B 33 10.82 6.65 -2.74
N GLU B 34 11.99 6.11 -3.07
CA GLU B 34 12.96 5.78 -2.02
C GLU B 34 13.54 7.03 -1.37
N LYS B 35 13.78 8.07 -2.17
CA LYS B 35 14.22 9.34 -1.63
C LYS B 35 13.16 9.94 -0.72
N ALA B 36 11.90 9.78 -1.09
CA ALA B 36 10.82 10.33 -0.29
C ALA B 36 10.75 9.63 1.07
N MET B 37 10.98 8.32 1.08
CA MET B 37 10.96 7.58 2.33
C MET B 37 12.16 7.94 3.20
N GLU B 38 13.31 8.15 2.55
CA GLU B 38 14.52 8.52 3.28
C GLU B 38 14.31 9.87 3.97
N ILE B 39 13.75 10.83 3.23
CA ILE B 39 13.44 12.14 3.79
C ILE B 39 12.43 12.05 4.92
N ALA B 40 11.38 11.26 4.71
CA ALA B 40 10.34 11.13 5.72
C ALA B 40 10.90 10.54 7.02
N LYS B 41 11.78 9.56 6.90
CA LYS B 41 12.41 8.94 8.08
C LYS B 41 13.26 9.96 8.86
N LYS B 42 13.90 10.87 8.14
CA LYS B 42 14.82 11.83 8.76
C LYS B 42 14.07 12.99 9.40
N VAL B 43 12.94 13.36 8.81
CA VAL B 43 12.18 14.56 9.17
C VAL B 43 10.93 14.25 10.00
N ALA B 44 10.48 12.99 9.92
CA ALA B 44 9.25 12.49 10.55
C ALA B 44 8.86 13.14 11.86
N GLU B 45 9.74 12.96 12.83
CA GLU B 45 9.49 13.30 14.22
C GLU B 45 9.31 14.79 14.42
N HIS B 46 9.61 15.57 13.38
CA HIS B 46 9.62 17.02 13.51
C HIS B 46 8.41 17.71 12.90
N VAL B 47 7.59 16.95 12.18
CA VAL B 47 6.40 17.49 11.53
C VAL B 47 5.16 16.72 11.93
N ASP B 48 3.99 17.28 11.63
CA ASP B 48 2.73 16.67 12.04
C ASP B 48 2.14 15.77 10.97
N ARG B 49 2.28 16.19 9.72
CA ARG B 49 1.72 15.45 8.59
C ARG B 49 2.61 15.62 7.38
N ILE B 50 2.41 14.75 6.40
CA ILE B 50 3.16 14.78 5.16
C ILE B 50 2.18 14.99 4.01
N LYS B 51 2.49 15.90 3.10
CA LYS B 51 1.65 16.13 1.92
C LYS B 51 2.34 15.63 0.68
N VAL B 52 1.65 14.80 -0.10
CA VAL B 52 2.18 14.31 -1.37
C VAL B 52 1.35 14.81 -2.54
N ASN B 53 1.98 14.92 -3.71
CA ASN B 53 1.26 15.34 -4.90
C ASN B 53 1.48 14.32 -6.00
N TYR B 54 0.94 14.61 -7.16
CA TYR B 54 0.95 13.66 -8.27
C TYR B 54 2.34 13.33 -8.86
N PRO B 55 3.28 14.30 -8.93
CA PRO B 55 4.58 13.85 -9.44
C PRO B 55 5.16 12.67 -8.68
N LEU B 56 5.08 12.68 -7.34
CA LEU B 56 5.56 11.55 -6.54
C LEU B 56 4.67 10.33 -6.74
N VAL B 57 3.36 10.51 -6.63
CA VAL B 57 2.45 9.36 -6.72
C VAL B 57 2.48 8.68 -8.10
N LEU B 58 2.54 9.47 -9.17
CA LEU B 58 2.65 8.86 -10.50
C LEU B 58 3.99 8.16 -10.73
N SER B 59 5.06 8.72 -10.18
CA SER B 59 6.39 8.14 -10.37
C SER B 59 6.59 6.87 -9.56
N ALA B 60 6.13 6.90 -8.31
CA ALA B 60 6.37 5.81 -7.37
C ALA B 60 5.22 4.82 -7.24
N GLY B 61 4.04 5.23 -7.69
CA GLY B 61 2.83 4.44 -7.52
C GLY B 61 2.05 4.94 -6.30
N VAL B 62 0.75 4.72 -6.31
CA VAL B 62 -0.09 5.27 -5.25
C VAL B 62 0.19 4.57 -3.91
N GLY B 63 0.81 3.40 -3.98
CA GLY B 63 1.25 2.67 -2.80
C GLY B 63 2.22 3.44 -1.92
N ILE B 64 2.93 4.42 -2.50
CA ILE B 64 3.86 5.24 -1.71
C ILE B 64 3.12 5.96 -0.57
N MET B 65 1.83 6.24 -0.75
CA MET B 65 1.06 6.88 0.32
C MET B 65 0.89 5.96 1.51
N LYS B 66 0.65 4.68 1.24
CA LYS B 66 0.56 3.69 2.32
C LYS B 66 1.87 3.64 3.09
N ARG B 67 2.99 3.55 2.39
CA ARG B 67 4.26 3.45 3.09
C ARG B 67 4.57 4.72 3.90
N LEU B 68 4.25 5.89 3.34
CA LEU B 68 4.47 7.15 4.08
C LEU B 68 3.57 7.29 5.28
N SER B 69 2.33 6.80 5.16
CA SER B 69 1.32 6.93 6.23
C SER B 69 1.71 6.17 7.48
N GLU B 70 2.60 5.18 7.32
CA GLU B 70 3.10 4.42 8.45
C GLU B 70 4.10 5.24 9.27
N ILE B 71 4.47 6.41 8.73
CA ILE B 71 5.38 7.31 9.42
C ILE B 71 4.61 8.48 10.02
N LYS B 72 3.90 9.23 9.17
CA LYS B 72 3.03 10.32 9.63
C LYS B 72 1.81 10.36 8.71
N PRO B 73 0.69 10.91 9.19
CA PRO B 73 -0.51 10.95 8.32
C PRO B 73 -0.27 11.73 7.05
N VAL B 74 -0.87 11.26 5.95
CA VAL B 74 -0.58 11.77 4.62
C VAL B 74 -1.79 12.55 4.05
N ILE B 75 -1.52 13.76 3.59
CA ILE B 75 -2.51 14.53 2.83
C ILE B 75 -2.25 14.32 1.34
N ALA B 76 -3.27 13.83 0.62
CA ALA B 76 -3.14 13.61 -0.82
C ALA B 76 -3.52 14.89 -1.58
N ASP B 77 -2.51 15.63 -2.00
CA ASP B 77 -2.75 16.90 -2.67
C ASP B 77 -2.94 16.59 -4.15
N PHE B 78 -4.16 16.17 -4.50
CA PHE B 78 -4.48 15.74 -5.85
C PHE B 78 -5.26 16.81 -6.62
N LYS B 79 -5.49 17.97 -5.99
CA LYS B 79 -6.19 19.10 -6.65
C LYS B 79 -7.39 18.59 -7.43
N ILE B 80 -8.21 17.79 -6.77
CA ILE B 80 -9.25 17.02 -7.47
C ILE B 80 -10.18 18.00 -8.18
N ALA B 81 -10.37 17.78 -9.48
CA ALA B 81 -11.00 18.81 -10.31
C ALA B 81 -11.81 18.22 -11.45
N ASP B 82 -12.60 17.18 -11.17
CA ASP B 82 -13.36 16.56 -12.23
C ASP B 82 -14.85 16.65 -11.94
N VAL B 83 -15.66 15.99 -12.77
CA VAL B 83 -17.09 15.90 -12.50
C VAL B 83 -17.27 15.10 -11.22
N PRO B 84 -18.44 15.20 -10.57
CA PRO B 84 -18.54 14.59 -9.23
C PRO B 84 -18.21 13.09 -9.18
N TYR B 85 -18.75 12.28 -10.09
CA TYR B 85 -18.50 10.84 -10.05
C TYR B 85 -16.99 10.49 -10.12
N THR B 86 -16.30 11.05 -11.10
CA THR B 86 -14.89 10.77 -11.30
C THR B 86 -14.06 11.30 -10.13
N SER B 87 -14.40 12.50 -9.68
CA SER B 87 -13.75 13.08 -8.51
C SER B 87 -13.86 12.18 -7.29
N SER B 88 -15.04 11.59 -7.10
CA SER B 88 -15.28 10.68 -5.99
C SER B 88 -14.43 9.43 -6.10
N LEU B 89 -14.27 8.92 -7.32
CA LEU B 89 -13.41 7.76 -7.56
C LEU B 89 -11.97 8.06 -7.17
N ILE B 90 -11.49 9.24 -7.57
CA ILE B 90 -10.14 9.65 -7.22
C ILE B 90 -9.96 9.75 -5.71
N ALA B 91 -10.90 10.42 -5.04
CA ALA B 91 -10.85 10.53 -3.59
C ALA B 91 -10.85 9.16 -2.92
N ARG B 92 -11.70 8.27 -3.44
CA ARG B 92 -11.80 6.93 -2.89
C ARG B 92 -10.46 6.20 -2.97
N ILE B 93 -9.80 6.27 -4.12
CA ILE B 93 -8.51 5.62 -4.28
C ILE B 93 -7.49 6.20 -3.30
N ALA B 94 -7.52 7.51 -3.09
CA ALA B 94 -6.61 8.13 -2.13
C ALA B 94 -6.83 7.56 -0.73
N PHE B 95 -8.09 7.45 -0.33
CA PHE B 95 -8.40 6.95 1.02
C PHE B 95 -8.14 5.44 1.14
N GLU B 96 -8.38 4.71 0.07
CA GLU B 96 -8.04 3.29 0.01
C GLU B 96 -6.54 3.06 0.19
N ASN B 97 -5.74 4.04 -0.22
CA ASN B 97 -4.29 3.97 -0.06
C ASN B 97 -3.79 4.75 1.15
N SER B 98 -4.67 4.89 2.14
CA SER B 98 -4.32 5.36 3.50
C SER B 98 -4.15 6.87 3.72
N ALA B 99 -4.51 7.67 2.72
CA ALA B 99 -4.47 9.11 2.91
C ALA B 99 -5.44 9.49 4.03
N GLU B 100 -5.05 10.44 4.86
CA GLU B 100 -5.93 10.92 5.92
C GLU B 100 -6.85 12.03 5.40
N SER B 101 -6.45 12.63 4.29
CA SER B 101 -7.22 13.73 3.72
C SER B 101 -6.89 13.89 2.26
N VAL B 102 -7.75 14.61 1.55
CA VAL B 102 -7.52 14.96 0.15
C VAL B 102 -7.79 16.44 -0.08
N ILE B 103 -7.16 16.99 -1.11
CA ILE B 103 -7.37 18.37 -1.48
C ILE B 103 -8.15 18.40 -2.80
N VAL B 104 -9.20 19.21 -2.80
CA VAL B 104 -10.13 19.30 -3.93
C VAL B 104 -10.27 20.77 -4.34
N HIS B 105 -10.48 21.00 -5.62
CA HIS B 105 -10.78 22.36 -6.09
C HIS B 105 -12.26 22.67 -5.93
N GLY B 106 -12.57 23.78 -5.27
CA GLY B 106 -13.94 24.23 -5.18
C GLY B 106 -14.46 24.87 -6.47
N PHE B 107 -13.56 25.34 -7.33
N PHE B 107 -13.54 25.33 -7.32
CA PHE B 107 -14.01 26.07 -8.52
CA PHE B 107 -13.92 26.05 -8.54
C PHE B 107 -14.81 25.19 -9.49
C PHE B 107 -14.79 25.20 -9.47
N VAL B 108 -14.65 23.88 -9.37
CA VAL B 108 -15.39 22.99 -10.27
C VAL B 108 -16.84 22.77 -9.83
N GLY B 109 -17.20 23.29 -8.66
CA GLY B 109 -18.60 23.29 -8.25
C GLY B 109 -18.93 22.55 -6.97
N SER B 110 -20.05 22.95 -6.38
CA SER B 110 -20.51 22.38 -5.11
C SER B 110 -20.84 20.90 -5.20
N ASP B 111 -21.27 20.42 -6.36
CA ASP B 111 -21.60 19.01 -6.50
C ASP B 111 -20.37 18.11 -6.31
N THR B 112 -19.25 18.53 -6.87
CA THR B 112 -18.00 17.80 -6.65
C THR B 112 -17.54 17.91 -5.19
N LEU B 113 -17.67 19.11 -4.60
CA LEU B 113 -17.33 19.28 -3.20
C LEU B 113 -18.16 18.33 -2.33
N ARG B 114 -19.47 18.28 -2.59
CA ARG B 114 -20.36 17.44 -1.81
C ARG B 114 -20.00 15.96 -1.95
N GLU B 115 -19.82 15.49 -3.18
CA GLU B 115 -19.54 14.08 -3.41
C GLU B 115 -18.18 13.65 -2.85
N VAL B 116 -17.17 14.51 -2.97
CA VAL B 116 -15.86 14.19 -2.41
C VAL B 116 -15.89 14.20 -0.88
N CYS B 117 -16.60 15.16 -0.29
CA CYS B 117 -16.71 15.20 1.16
C CYS B 117 -17.61 14.04 1.64
N ARG B 118 -18.54 13.63 0.79
N ARG B 118 -18.55 13.61 0.79
CA ARG B 118 -19.41 12.47 1.06
CA ARG B 118 -19.39 12.48 1.13
C ARG B 118 -18.56 11.21 1.19
C ARG B 118 -18.58 11.17 1.18
N VAL B 119 -17.64 11.03 0.25
CA VAL B 119 -16.72 9.89 0.25
C VAL B 119 -15.81 9.87 1.46
N ALA B 120 -15.27 11.05 1.80
CA ALA B 120 -14.41 11.19 2.95
C ALA B 120 -15.08 10.73 4.25
N GLU B 121 -16.39 10.92 4.35
CA GLU B 121 -17.14 10.51 5.55
C GLU B 121 -17.01 9.01 5.77
N GLU B 122 -17.05 8.26 4.68
CA GLU B 122 -16.93 6.81 4.72
C GLU B 122 -15.61 6.34 5.31
N PHE B 123 -14.56 7.12 5.10
CA PHE B 123 -13.23 6.72 5.53
C PHE B 123 -12.77 7.43 6.79
N GLY B 124 -13.62 8.30 7.32
CA GLY B 124 -13.25 9.15 8.43
C GLY B 124 -12.16 10.12 8.04
N GLY B 125 -12.13 10.48 6.76
CA GLY B 125 -11.12 11.38 6.25
C GLY B 125 -11.55 12.83 6.25
N LYS B 126 -10.62 13.71 5.89
CA LYS B 126 -10.90 15.13 5.81
C LYS B 126 -10.72 15.61 4.38
N VAL B 127 -11.44 16.68 4.03
CA VAL B 127 -11.28 17.29 2.71
C VAL B 127 -10.94 18.77 2.89
N TYR B 128 -9.92 19.22 2.15
CA TYR B 128 -9.54 20.63 2.11
C TYR B 128 -9.85 21.17 0.73
N ALA B 129 -10.65 22.24 0.68
CA ALA B 129 -10.98 22.89 -0.59
C ALA B 129 -10.00 24.02 -0.89
N VAL B 130 -9.48 24.04 -2.10
CA VAL B 130 -8.64 25.14 -2.59
C VAL B 130 -9.49 26.38 -2.89
N THR B 131 -9.15 27.49 -2.23
CA THR B 131 -9.81 28.80 -2.44
C THR B 131 -9.23 29.51 -3.66
N GLU B 132 -7.90 29.64 -3.67
CA GLU B 132 -7.18 30.20 -4.82
C GLU B 132 -5.73 29.71 -4.75
N LEU B 133 -5.14 29.41 -5.91
CA LEU B 133 -3.75 28.98 -5.95
C LEU B 133 -2.84 30.16 -5.62
N SER B 134 -1.68 29.85 -5.03
CA SER B 134 -0.74 30.89 -4.60
C SER B 134 0.09 31.48 -5.73
N SER B 135 0.04 30.84 -6.89
CA SER B 135 0.73 31.33 -8.08
C SER B 135 0.05 32.57 -8.61
N PRO B 136 0.78 33.38 -9.40
CA PRO B 136 0.16 34.56 -10.01
C PRO B 136 -1.10 34.24 -10.80
N GLY B 137 -1.14 33.07 -11.44
CA GLY B 137 -2.29 32.70 -12.26
C GLY B 137 -3.58 32.60 -11.46
N GLY B 138 -3.43 32.32 -10.16
CA GLY B 138 -4.57 32.21 -9.26
C GLY B 138 -5.37 33.48 -9.15
N GLU B 139 -4.73 34.61 -9.46
CA GLU B 139 -5.41 35.89 -9.40
C GLU B 139 -6.33 36.15 -10.60
N GLU B 140 -6.18 35.36 -11.65
CA GLU B 140 -6.91 35.64 -12.91
C GLU B 140 -8.38 35.29 -12.84
N PHE B 141 -8.70 34.12 -12.29
CA PHE B 141 -10.08 33.67 -12.16
C PHE B 141 -10.44 33.28 -10.73
N MET B 142 -9.50 32.67 -10.02
CA MET B 142 -9.84 32.10 -8.72
C MET B 142 -10.12 33.14 -7.64
N SER B 143 -9.31 34.20 -7.62
CA SER B 143 -9.42 35.25 -6.62
C SER B 143 -10.81 35.86 -6.59
N ALA B 144 -11.42 36.02 -7.75
CA ALA B 144 -12.73 36.63 -7.84
C ALA B 144 -13.80 35.79 -7.13
N VAL B 145 -13.58 34.49 -7.01
CA VAL B 145 -14.62 33.61 -6.48
C VAL B 145 -14.18 32.87 -5.22
N SER B 146 -13.02 33.25 -4.70
CA SER B 146 -12.43 32.60 -3.55
C SER B 146 -13.38 32.56 -2.34
N LEU B 147 -13.96 33.70 -2.00
CA LEU B 147 -14.83 33.75 -0.84
C LEU B 147 -16.11 32.94 -1.06
N LYS B 148 -16.60 32.92 -2.29
CA LYS B 148 -17.78 32.12 -2.61
C LYS B 148 -17.45 30.63 -2.51
N ILE B 149 -16.23 30.26 -2.89
CA ILE B 149 -15.75 28.88 -2.70
C ILE B 149 -15.76 28.46 -1.23
N VAL B 150 -15.31 29.36 -0.35
CA VAL B 150 -15.37 29.07 1.09
C VAL B 150 -16.79 28.72 1.51
N GLU B 151 -17.75 29.51 1.03
CA GLU B 151 -19.14 29.31 1.41
C GLU B 151 -19.64 27.96 0.91
N LYS B 152 -19.28 27.60 -0.32
CA LYS B 152 -19.71 26.31 -0.88
C LYS B 152 -19.07 25.14 -0.16
N ALA B 153 -17.78 25.26 0.15
CA ALA B 153 -17.07 24.19 0.85
C ALA B 153 -17.66 23.99 2.24
N LYS B 154 -17.97 25.10 2.91
CA LYS B 154 -18.57 25.04 4.23
C LYS B 154 -19.94 24.37 4.16
N GLU B 155 -20.76 24.78 3.19
CA GLU B 155 -22.11 24.22 3.06
C GLU B 155 -22.09 22.78 2.54
N ALA B 156 -20.98 22.37 1.93
CA ALA B 156 -20.82 21.00 1.43
C ALA B 156 -20.40 20.05 2.56
N GLY B 157 -20.08 20.61 3.71
CA GLY B 157 -19.68 19.83 4.86
C GLY B 157 -18.20 19.47 4.87
N CYS B 158 -17.41 20.24 4.13
CA CYS B 158 -15.98 19.99 4.06
C CYS B 158 -15.25 20.51 5.29
N HIS B 159 -14.15 19.85 5.63
CA HIS B 159 -13.44 20.10 6.88
C HIS B 159 -12.61 21.36 6.85
N GLY B 160 -11.99 21.64 5.72
CA GLY B 160 -11.03 22.72 5.70
C GLY B 160 -10.77 23.33 4.34
N LEU B 161 -9.75 24.18 4.33
CA LEU B 161 -9.41 24.97 3.17
C LEU B 161 -7.91 25.03 2.99
N ILE B 162 -7.48 25.20 1.74
CA ILE B 162 -6.12 25.60 1.44
C ILE B 162 -6.18 27.04 0.96
N ALA B 163 -5.34 27.89 1.52
CA ALA B 163 -5.35 29.31 1.13
C ALA B 163 -3.93 29.87 1.13
N PRO B 164 -3.66 30.86 0.26
CA PRO B 164 -2.31 31.45 0.20
C PRO B 164 -1.90 32.18 1.48
N SER B 165 -0.60 32.12 1.80
CA SER B 165 -0.04 32.81 2.96
C SER B 165 0.51 34.18 2.56
N THR B 166 0.56 34.41 1.25
CA THR B 166 1.22 35.61 0.72
C THR B 166 0.24 36.75 0.42
N ARG B 167 -1.04 36.49 0.60
CA ARG B 167 -2.07 37.49 0.37
C ARG B 167 -2.84 37.70 1.66
N ILE B 168 -2.29 38.56 2.53
CA ILE B 168 -2.72 38.63 3.93
C ILE B 168 -4.15 39.13 4.12
N GLU B 169 -4.51 40.21 3.43
CA GLU B 169 -5.87 40.72 3.49
C GLU B 169 -6.89 39.67 3.02
N ARG B 170 -6.62 39.03 1.88
CA ARG B 170 -7.46 37.94 1.40
C ARG B 170 -7.54 36.81 2.43
N LEU B 171 -6.41 36.45 3.04
CA LEU B 171 -6.41 35.41 4.05
C LEU B 171 -7.30 35.81 5.23
N ARG B 172 -7.25 37.10 5.59
CA ARG B 172 -8.14 37.62 6.63
C ARG B 172 -9.61 37.41 6.26
N GLU B 173 -9.99 37.81 5.06
CA GLU B 173 -11.34 37.60 4.54
C GLU B 173 -11.73 36.12 4.51
N ILE B 174 -10.78 35.28 4.13
CA ILE B 174 -11.05 33.85 4.05
C ILE B 174 -11.36 33.27 5.44
N ARG B 175 -10.56 33.65 6.43
CA ARG B 175 -10.79 33.23 7.81
C ARG B 175 -12.16 33.68 8.33
N LYS B 176 -12.53 34.92 8.03
CA LYS B 176 -13.82 35.47 8.40
C LYS B 176 -14.96 34.63 7.83
N ALA B 177 -14.85 34.28 6.56
CA ALA B 177 -15.89 33.51 5.88
C ALA B 177 -15.89 32.04 6.29
N ALA B 178 -14.73 31.56 6.75
CA ALA B 178 -14.53 30.14 7.02
C ALA B 178 -15.11 29.71 8.36
N GLY B 179 -15.25 30.66 9.29
CA GLY B 179 -15.63 30.33 10.64
C GLY B 179 -14.51 29.51 11.24
N ASP B 180 -14.84 28.33 11.73
CA ASP B 180 -13.86 27.50 12.43
C ASP B 180 -13.26 26.37 11.58
N MET B 181 -13.47 26.44 10.27
CA MET B 181 -12.87 25.49 9.34
C MET B 181 -11.35 25.52 9.46
N GLU B 182 -10.72 24.38 9.23
CA GLU B 182 -9.27 24.31 9.30
C GLU B 182 -8.65 24.92 8.04
N ILE B 183 -7.78 25.89 8.22
CA ILE B 183 -7.10 26.52 7.10
C ILE B 183 -5.62 26.17 7.11
N LEU B 184 -5.15 25.59 6.00
CA LEU B 184 -3.73 25.30 5.82
C LEU B 184 -3.16 26.23 4.75
N CYS B 185 -1.95 26.75 4.98
CA CYS B 185 -1.33 27.67 4.02
C CYS B 185 0.05 27.18 3.61
N PRO B 186 0.35 27.21 2.31
CA PRO B 186 1.71 26.90 1.83
C PRO B 186 2.68 28.02 2.15
N ILE B 195 4.83 34.42 8.86
CA ILE B 195 4.47 34.92 10.19
C ILE B 195 3.19 35.76 10.15
N GLU B 196 3.02 36.57 9.12
CA GLU B 196 1.83 37.42 9.02
C GLU B 196 0.58 36.56 8.83
N ALA B 197 0.77 35.37 8.27
CA ALA B 197 -0.35 34.47 8.00
C ALA B 197 -0.71 33.63 9.22
N VAL B 198 0.21 33.54 10.17
CA VAL B 198 0.08 32.60 11.29
C VAL B 198 -1.20 32.80 12.11
N LYS B 199 -1.59 34.06 12.33
CA LYS B 199 -2.79 34.35 13.11
C LYS B 199 -4.07 33.78 12.47
N TYR B 200 -4.04 33.56 11.16
CA TYR B 200 -5.23 33.10 10.46
C TYR B 200 -5.16 31.60 10.17
N ALA B 201 -3.94 31.07 10.10
CA ALA B 201 -3.72 29.70 9.65
C ALA B 201 -3.74 28.72 10.80
N ASP B 202 -4.22 27.51 10.52
CA ASP B 202 -4.16 26.44 11.51
C ASP B 202 -2.97 25.53 11.27
N GLY B 203 -2.32 25.73 10.13
CA GLY B 203 -1.14 24.94 9.80
C GLY B 203 -0.42 25.57 8.63
N ILE B 204 0.89 25.35 8.56
CA ILE B 204 1.70 25.84 7.45
C ILE B 204 2.36 24.66 6.76
N ILE B 205 2.41 24.74 5.44
CA ILE B 205 3.01 23.69 4.63
C ILE B 205 4.37 24.14 4.14
N VAL B 206 5.40 23.37 4.46
CA VAL B 206 6.76 23.74 4.10
C VAL B 206 7.42 22.54 3.43
N GLY B 207 8.28 22.80 2.46
CA GLY B 207 8.94 21.71 1.76
C GLY B 207 10.42 21.62 2.05
N ARG B 208 11.21 21.82 0.99
CA ARG B 208 12.65 21.65 1.01
C ARG B 208 13.35 22.43 2.13
N GLY B 209 12.79 23.58 2.51
CA GLY B 209 13.36 24.40 3.56
C GLY B 209 13.61 23.65 4.87
N ILE B 210 12.79 22.65 5.15
CA ILE B 210 12.91 21.92 6.41
C ILE B 210 14.11 21.01 6.45
N TYR B 211 14.33 20.26 5.37
CA TYR B 211 15.28 19.15 5.40
C TYR B 211 16.55 19.35 4.58
N ALA B 212 16.50 20.22 3.57
CA ALA B 212 17.66 20.43 2.70
C ALA B 212 18.80 21.07 3.46
N SER B 213 18.46 21.69 4.59
N SER B 213 18.46 21.67 4.59
CA SER B 213 19.47 22.19 5.51
CA SER B 213 19.44 22.16 5.54
C SER B 213 20.19 21.00 6.13
C SER B 213 20.22 20.97 6.09
N GLY B 214 21.30 21.24 6.81
CA GLY B 214 22.03 20.17 7.45
C GLY B 214 21.29 19.60 8.66
N ASN B 215 20.04 20.02 8.88
CA ASN B 215 19.48 19.92 10.22
C ASN B 215 17.98 20.26 10.30
N PRO B 216 17.11 19.29 9.98
CA PRO B 216 15.66 19.48 10.08
C PRO B 216 15.17 19.76 11.51
N ALA B 217 15.84 19.22 12.53
CA ALA B 217 15.43 19.50 13.90
C ALA B 217 15.50 21.00 14.17
N GLU B 218 16.61 21.63 13.78
CA GLU B 218 16.76 23.06 14.02
C GLU B 218 15.79 23.89 13.17
N GLU B 219 15.64 23.55 11.89
CA GLU B 219 14.68 24.27 11.06
C GLU B 219 13.25 24.14 11.61
N ALA B 220 12.90 22.94 12.07
CA ALA B 220 11.57 22.72 12.62
C ALA B 220 11.36 23.56 13.88
N ARG B 221 12.38 23.65 14.73
CA ARG B 221 12.23 24.45 15.95
C ARG B 221 11.96 25.93 15.64
N LYS B 222 12.63 26.45 14.62
CA LYS B 222 12.38 27.83 14.21
C LYS B 222 10.95 27.98 13.70
N LEU B 223 10.50 27.02 12.90
CA LEU B 223 9.15 27.07 12.36
C LEU B 223 8.10 26.92 13.46
N ARG B 224 8.35 26.05 14.43
CA ARG B 224 7.45 25.91 15.57
C ARG B 224 7.35 27.21 16.36
N ARG B 225 8.48 27.91 16.49
N ARG B 225 8.48 27.91 16.47
CA ARG B 225 8.46 29.20 17.18
CA ARG B 225 8.51 29.19 17.17
C ARG B 225 7.62 30.21 16.41
C ARG B 225 7.67 30.22 16.41
N VAL B 226 7.75 30.22 15.09
CA VAL B 226 6.94 31.11 14.26
C VAL B 226 5.45 30.82 14.46
N LEU B 227 5.10 29.54 14.58
CA LEU B 227 3.72 29.11 14.74
C LEU B 227 3.18 29.34 16.16
N LYS B 228 4.07 29.63 17.11
CA LYS B 228 3.68 29.77 18.51
C LYS B 228 3.29 31.19 18.84
N ILE B 229 1.98 31.42 18.79
CA ILE B 229 1.37 32.72 18.93
C ILE B 229 0.55 32.72 20.20
N MET C 21 -0.93 -19.38 14.01
CA MET C 21 0.12 -18.40 13.80
C MET C 21 0.85 -18.06 15.10
N LYS C 22 2.17 -17.93 15.01
CA LYS C 22 2.95 -17.52 16.17
C LYS C 22 2.67 -16.05 16.48
N GLN C 23 2.76 -15.68 17.74
CA GLN C 23 2.37 -14.32 18.15
C GLN C 23 3.52 -13.36 18.30
N LEU C 24 3.19 -12.09 18.13
CA LEU C 24 4.12 -11.00 18.41
C LEU C 24 3.54 -10.24 19.58
N ILE C 25 4.30 -10.15 20.66
CA ILE C 25 3.84 -9.52 21.89
C ILE C 25 4.71 -8.32 22.19
N LEU C 26 4.06 -7.19 22.50
CA LEU C 26 4.78 -5.95 22.77
C LEU C 26 5.05 -5.77 24.27
N ALA C 27 6.33 -5.74 24.66
CA ALA C 27 6.69 -5.42 26.03
C ALA C 27 6.69 -3.91 26.15
N LEU C 28 5.73 -3.36 26.87
CA LEU C 28 5.55 -1.93 26.95
C LEU C 28 6.31 -1.40 28.15
N ASP C 29 7.63 -1.31 28.02
CA ASP C 29 8.47 -1.04 29.17
C ASP C 29 8.82 0.43 29.31
N VAL C 30 7.79 1.22 29.60
CA VAL C 30 7.93 2.61 29.99
C VAL C 30 7.30 2.77 31.38
N MET C 31 7.51 3.90 32.03
CA MET C 31 6.88 4.10 33.34
C MET C 31 5.80 5.17 33.34
N ASP C 32 5.70 5.91 32.24
CA ASP C 32 4.65 6.92 32.14
C ASP C 32 3.39 6.35 31.50
N GLY C 33 2.28 6.41 32.24
CA GLY C 33 1.01 5.87 31.79
C GLY C 33 0.53 6.47 30.48
N GLU C 34 0.65 7.78 30.32
CA GLU C 34 0.21 8.39 29.06
C GLU C 34 1.12 8.05 27.88
N LYS C 35 2.42 7.93 28.15
CA LYS C 35 3.36 7.47 27.15
C LYS C 35 3.01 6.06 26.72
N ALA C 36 2.71 5.20 27.68
CA ALA C 36 2.36 3.81 27.38
C ALA C 36 1.11 3.75 26.50
N MET C 37 0.13 4.59 26.79
CA MET C 37 -1.09 4.59 26.00
C MET C 37 -0.84 5.14 24.60
N GLU C 38 0.01 6.16 24.50
CA GLU C 38 0.40 6.72 23.20
C GLU C 38 1.06 5.64 22.33
N ILE C 39 2.02 4.93 22.90
CA ILE C 39 2.71 3.85 22.20
C ILE C 39 1.72 2.76 21.78
N ALA C 40 0.85 2.37 22.70
CA ALA C 40 -0.12 1.31 22.41
C ALA C 40 -1.01 1.70 21.23
N LYS C 41 -1.42 2.96 21.19
CA LYS C 41 -2.26 3.45 20.09
C LYS C 41 -1.54 3.37 18.74
N LYS C 42 -0.24 3.64 18.75
CA LYS C 42 0.55 3.68 17.51
C LYS C 42 0.92 2.27 17.01
N VAL C 43 1.14 1.36 17.96
CA VAL C 43 1.65 0.02 17.68
C VAL C 43 0.57 -1.08 17.67
N ALA C 44 -0.56 -0.79 18.32
CA ALA C 44 -1.68 -1.72 18.52
C ALA C 44 -1.93 -2.71 17.40
N GLU C 45 -2.25 -2.15 16.24
CA GLU C 45 -2.66 -2.86 15.05
C GLU C 45 -1.66 -3.94 14.64
N HIS C 46 -0.42 -3.78 15.08
CA HIS C 46 0.68 -4.59 14.56
C HIS C 46 1.11 -5.74 15.45
N VAL C 47 0.62 -5.77 16.68
CA VAL C 47 0.96 -6.85 17.63
C VAL C 47 -0.28 -7.57 18.13
N ASP C 48 -0.08 -8.73 18.75
CA ASP C 48 -1.20 -9.54 19.23
C ASP C 48 -1.59 -9.26 20.66
N ARG C 49 -0.60 -9.02 21.52
CA ARG C 49 -0.86 -8.74 22.92
C ARG C 49 0.16 -7.75 23.44
N ILE C 50 -0.16 -7.18 24.60
CA ILE C 50 0.71 -6.22 25.26
C ILE C 50 1.09 -6.77 26.63
N LYS C 51 2.37 -6.74 26.96
CA LYS C 51 2.85 -7.22 28.25
C LYS C 51 3.27 -6.01 29.08
N VAL C 52 2.73 -5.91 30.31
CA VAL C 52 3.12 -4.87 31.25
C VAL C 52 3.82 -5.45 32.48
N ASN C 53 4.69 -4.67 33.10
CA ASN C 53 5.37 -5.12 34.31
C ASN C 53 5.15 -4.11 35.43
N TYR C 54 5.76 -4.36 36.57
CA TYR C 54 5.54 -3.52 37.75
C TYR C 54 6.02 -2.07 37.66
N PRO C 55 7.14 -1.80 36.96
CA PRO C 55 7.49 -0.37 36.90
C PRO C 55 6.37 0.49 36.34
N LEU C 56 5.72 0.05 35.27
CA LEU C 56 4.57 0.77 34.71
C LEU C 56 3.37 0.75 35.65
N VAL C 57 3.00 -0.43 36.14
CA VAL C 57 1.82 -0.56 36.99
C VAL C 57 1.96 0.21 38.32
N LEU C 58 3.13 0.17 38.93
CA LEU C 58 3.33 0.94 40.16
C LEU C 58 3.32 2.45 39.90
N SER C 59 3.90 2.86 38.77
CA SER C 59 3.95 4.29 38.46
C SER C 59 2.58 4.85 38.09
N ALA C 60 1.83 4.11 37.29
CA ALA C 60 0.59 4.61 36.69
C ALA C 60 -0.67 4.14 37.42
N GLY C 61 -0.52 3.12 38.26
CA GLY C 61 -1.65 2.50 38.92
C GLY C 61 -2.09 1.27 38.14
N VAL C 62 -2.68 0.31 38.82
CA VAL C 62 -3.02 -0.96 38.19
C VAL C 62 -4.14 -0.76 37.15
N GLY C 63 -4.83 0.37 37.27
CA GLY C 63 -5.85 0.77 36.31
C GLY C 63 -5.33 0.91 34.89
N ILE C 64 -4.03 1.15 34.73
CA ILE C 64 -3.44 1.21 33.38
C ILE C 64 -3.68 -0.09 32.61
N MET C 65 -3.82 -1.21 33.32
CA MET C 65 -4.04 -2.49 32.62
C MET C 65 -5.41 -2.52 31.98
N LYS C 66 -6.41 -1.95 32.65
CA LYS C 66 -7.76 -1.86 32.08
C LYS C 66 -7.73 -0.98 30.82
N ARG C 67 -7.08 0.18 30.90
CA ARG C 67 -7.04 1.08 29.74
C ARG C 67 -6.32 0.41 28.57
N LEU C 68 -5.24 -0.30 28.85
CA LEU C 68 -4.50 -0.97 27.78
C LEU C 68 -5.25 -2.14 27.17
N SER C 69 -6.00 -2.87 28.00
CA SER C 69 -6.76 -4.04 27.55
C SER C 69 -7.85 -3.68 26.54
N GLU C 70 -8.24 -2.42 26.53
CA GLU C 70 -9.27 -1.95 25.60
C GLU C 70 -8.69 -1.82 24.21
N ILE C 71 -7.38 -2.00 24.10
CA ILE C 71 -6.66 -1.88 22.84
C ILE C 71 -6.21 -3.26 22.37
N LYS C 72 -5.42 -3.95 23.18
CA LYS C 72 -5.08 -5.36 22.94
C LYS C 72 -5.03 -6.08 24.29
N PRO C 73 -5.18 -7.42 24.29
CA PRO C 73 -5.15 -8.14 25.57
C PRO C 73 -3.82 -7.97 26.28
N VAL C 74 -3.86 -7.94 27.61
CA VAL C 74 -2.72 -7.57 28.42
C VAL C 74 -2.20 -8.76 29.22
N ILE C 75 -0.91 -9.01 29.11
CA ILE C 75 -0.22 -9.99 29.96
C ILE C 75 0.39 -9.24 31.15
N ALA C 76 -0.02 -9.61 32.36
CA ALA C 76 0.55 -9.01 33.57
C ALA C 76 1.83 -9.73 33.99
N ASP C 77 2.97 -9.17 33.63
CA ASP C 77 4.24 -9.79 33.92
C ASP C 77 4.63 -9.36 35.35
N PHE C 78 4.07 -10.06 36.34
CA PHE C 78 4.25 -9.71 37.74
C PHE C 78 5.23 -10.64 38.44
N LYS C 79 5.77 -11.61 37.71
CA LYS C 79 6.77 -12.54 38.26
C LYS C 79 6.33 -13.01 39.64
N ILE C 80 5.08 -13.47 39.72
CA ILE C 80 4.47 -13.74 41.03
C ILE C 80 5.28 -14.78 41.79
N ALA C 81 5.66 -14.45 43.02
CA ALA C 81 6.68 -15.24 43.69
C ALA C 81 6.50 -15.26 45.20
N ASP C 82 5.26 -15.45 45.66
CA ASP C 82 5.02 -15.44 47.09
C ASP C 82 4.46 -16.79 47.51
N VAL C 83 4.09 -16.89 48.79
CA VAL C 83 3.35 -18.05 49.28
C VAL C 83 2.02 -18.15 48.53
N PRO C 84 1.41 -19.35 48.51
CA PRO C 84 0.21 -19.51 47.67
C PRO C 84 -0.91 -18.50 47.91
N TYR C 85 -1.25 -18.20 49.16
CA TYR C 85 -2.39 -17.31 49.42
C TYR C 85 -2.15 -15.90 48.87
N THR C 86 -0.98 -15.33 49.18
CA THR C 86 -0.61 -14.00 48.72
C THR C 86 -0.46 -13.94 47.19
N SER C 87 0.19 -14.95 46.62
CA SER C 87 0.29 -15.06 45.18
C SER C 87 -1.07 -15.05 44.50
N SER C 88 -2.03 -15.78 45.10
CA SER C 88 -3.38 -15.84 44.58
C SER C 88 -4.06 -14.46 44.61
N LEU C 89 -3.84 -13.71 45.69
CA LEU C 89 -4.39 -12.36 45.80
C LEU C 89 -3.86 -11.44 44.71
N ILE C 90 -2.56 -11.53 44.45
CA ILE C 90 -1.95 -10.73 43.39
C ILE C 90 -2.52 -11.08 42.03
N ALA C 91 -2.59 -12.38 41.74
CA ALA C 91 -3.18 -12.84 40.49
C ALA C 91 -4.62 -12.35 40.35
N ARG C 92 -5.40 -12.46 41.42
CA ARG C 92 -6.78 -12.00 41.41
C ARG C 92 -6.89 -10.52 41.06
N ILE C 93 -6.03 -9.69 41.67
CA ILE C 93 -6.03 -8.27 41.36
C ILE C 93 -5.71 -8.03 39.89
N ALA C 94 -4.74 -8.77 39.34
CA ALA C 94 -4.40 -8.62 37.92
C ALA C 94 -5.62 -8.93 37.04
N PHE C 95 -6.30 -10.02 37.34
CA PHE C 95 -7.46 -10.40 36.54
C PHE C 95 -8.66 -9.46 36.75
N GLU C 96 -8.80 -8.93 37.96
CA GLU C 96 -9.85 -7.94 38.25
C GLU C 96 -9.62 -6.65 37.44
N ASN C 97 -8.36 -6.37 37.14
CA ASN C 97 -7.99 -5.21 36.31
C ASN C 97 -7.78 -5.58 34.85
N SER C 98 -8.45 -6.65 34.43
CA SER C 98 -8.62 -7.01 33.01
C SER C 98 -7.45 -7.70 32.32
N ALA C 99 -6.42 -8.10 33.06
CA ALA C 99 -5.34 -8.86 32.46
C ALA C 99 -5.90 -10.16 31.89
N GLU C 100 -5.39 -10.59 30.74
CA GLU C 100 -5.83 -11.85 30.14
C GLU C 100 -4.99 -12.98 30.69
N SER C 101 -3.82 -12.63 31.22
CA SER C 101 -2.91 -13.64 31.74
C SER C 101 -1.97 -13.03 32.75
N VAL C 102 -1.31 -13.90 33.51
CA VAL C 102 -0.32 -13.47 34.47
C VAL C 102 0.91 -14.37 34.36
N ILE C 103 2.07 -13.84 34.76
CA ILE C 103 3.29 -14.60 34.76
C ILE C 103 3.68 -14.89 36.21
N VAL C 104 3.98 -16.15 36.48
CA VAL C 104 4.31 -16.63 37.82
C VAL C 104 5.64 -17.38 37.82
N HIS C 105 6.37 -17.28 38.93
CA HIS C 105 7.59 -18.08 39.08
C HIS C 105 7.27 -19.48 39.56
N GLY C 106 7.74 -20.49 38.83
CA GLY C 106 7.59 -21.84 39.29
C GLY C 106 8.57 -22.22 40.39
N PHE C 107 9.66 -21.47 40.52
N PHE C 107 9.67 -21.48 40.53
CA PHE C 107 10.72 -21.79 41.49
CA PHE C 107 10.69 -21.86 41.51
C PHE C 107 10.19 -21.76 42.92
C PHE C 107 10.17 -21.80 42.94
N VAL C 108 9.13 -21.02 43.17
CA VAL C 108 8.59 -20.90 44.52
C VAL C 108 7.73 -22.10 44.93
N GLY C 109 7.46 -23.00 43.98
CA GLY C 109 6.81 -24.26 44.34
C GLY C 109 5.47 -24.52 43.67
N SER C 110 5.13 -25.79 43.56
CA SER C 110 3.94 -26.20 42.84
C SER C 110 2.65 -25.79 43.54
N ASP C 111 2.71 -25.52 44.85
CA ASP C 111 1.52 -25.05 45.56
C ASP C 111 1.10 -23.65 45.10
N THR C 112 2.09 -22.79 44.89
CA THR C 112 1.80 -21.47 44.32
C THR C 112 1.35 -21.58 42.88
N LEU C 113 1.97 -22.47 42.11
CA LEU C 113 1.55 -22.71 40.73
C LEU C 113 0.07 -23.13 40.68
N ARG C 114 -0.29 -24.09 41.52
CA ARG C 114 -1.65 -24.61 41.53
C ARG C 114 -2.65 -23.53 41.92
N GLU C 115 -2.36 -22.78 42.98
N GLU C 115 -2.32 -22.80 42.97
CA GLU C 115 -3.32 -21.79 43.47
CA GLU C 115 -3.19 -21.78 43.51
C GLU C 115 -3.49 -20.59 42.52
C GLU C 115 -3.48 -20.67 42.50
N VAL C 116 -2.41 -20.18 41.86
CA VAL C 116 -2.52 -19.12 40.86
C VAL C 116 -3.25 -19.60 39.60
N CYS C 117 -2.96 -20.82 39.17
CA CYS C 117 -3.67 -21.37 38.03
C CYS C 117 -5.15 -21.67 38.40
N ARG C 118 -5.41 -21.94 39.69
CA ARG C 118 -6.79 -22.07 40.19
C ARG C 118 -7.57 -20.77 40.03
N VAL C 119 -6.96 -19.66 40.42
CA VAL C 119 -7.58 -18.34 40.29
C VAL C 119 -7.85 -17.96 38.85
N ALA C 120 -6.88 -18.24 37.99
CA ALA C 120 -7.01 -17.95 36.56
C ALA C 120 -8.24 -18.62 35.95
N GLU C 121 -8.54 -19.84 36.40
CA GLU C 121 -9.72 -20.57 35.91
C GLU C 121 -11.00 -19.80 36.15
N GLU C 122 -11.08 -19.15 37.31
CA GLU C 122 -12.23 -18.35 37.68
C GLU C 122 -12.44 -17.20 36.71
N PHE C 123 -11.36 -16.68 36.15
CA PHE C 123 -11.44 -15.53 35.26
C PHE C 123 -11.29 -15.89 33.79
N GLY C 124 -11.16 -17.17 33.51
CA GLY C 124 -10.91 -17.62 32.15
C GLY C 124 -9.58 -17.10 31.65
N GLY C 125 -8.65 -16.93 32.59
CA GLY C 125 -7.33 -16.40 32.27
C GLY C 125 -6.29 -17.47 32.05
N LYS C 126 -5.10 -17.06 31.65
CA LYS C 126 -4.01 -17.98 31.40
C LYS C 126 -2.86 -17.66 32.35
N VAL C 127 -2.06 -18.67 32.67
CA VAL C 127 -0.90 -18.47 33.51
C VAL C 127 0.32 -19.00 32.78
N TYR C 128 1.39 -18.19 32.75
CA TYR C 128 2.67 -18.60 32.19
C TYR C 128 3.68 -18.73 33.30
N ALA C 129 4.30 -19.91 33.40
CA ALA C 129 5.31 -20.14 34.43
C ALA C 129 6.70 -19.82 33.89
N VAL C 130 7.46 -19.04 34.65
CA VAL C 130 8.85 -18.79 34.30
C VAL C 130 9.72 -20.02 34.60
N THR C 131 10.42 -20.47 33.57
CA THR C 131 11.37 -21.59 33.69
C THR C 131 12.72 -21.12 34.22
N GLU C 132 13.28 -20.10 33.57
CA GLU C 132 14.54 -19.48 33.98
C GLU C 132 14.61 -18.09 33.36
N LEU C 133 15.09 -17.11 34.13
CA LEU C 133 15.25 -15.76 33.60
C LEU C 133 16.32 -15.74 32.54
N SER C 134 16.17 -14.86 31.57
CA SER C 134 17.10 -14.76 30.46
C SER C 134 18.41 -14.07 30.84
N SER C 135 18.42 -13.41 31.99
CA SER C 135 19.62 -12.74 32.49
C SER C 135 20.66 -13.76 32.90
N PRO C 136 21.93 -13.33 32.95
CA PRO C 136 22.99 -14.25 33.41
C PRO C 136 22.68 -14.88 34.78
N GLY C 137 22.08 -14.14 35.69
CA GLY C 137 21.79 -14.68 37.01
C GLY C 137 20.88 -15.89 36.98
N GLY C 138 20.09 -16.02 35.92
CA GLY C 138 19.17 -17.13 35.73
C GLY C 138 19.90 -18.46 35.68
N GLU C 139 21.18 -18.41 35.34
CA GLU C 139 21.95 -19.63 35.25
C GLU C 139 22.40 -20.15 36.61
N GLU C 140 22.37 -19.30 37.63
CA GLU C 140 22.94 -19.65 38.94
C GLU C 140 22.13 -20.70 39.71
N PHE C 141 20.81 -20.52 39.77
CA PHE C 141 19.93 -21.49 40.44
C PHE C 141 18.80 -22.00 39.54
N MET C 142 18.27 -21.13 38.68
CA MET C 142 17.08 -21.51 37.94
C MET C 142 17.32 -22.56 36.88
N SER C 143 18.47 -22.49 36.21
CA SER C 143 18.75 -23.38 35.09
C SER C 143 18.76 -24.84 35.52
N ALA C 144 19.25 -25.09 36.72
CA ALA C 144 19.35 -26.45 37.24
C ALA C 144 18.00 -27.13 37.42
N VAL C 145 16.95 -26.32 37.60
CA VAL C 145 15.63 -26.85 37.91
C VAL C 145 14.57 -26.46 36.89
N SER C 146 15.01 -25.85 35.80
CA SER C 146 14.11 -25.38 34.75
C SER C 146 13.18 -26.48 34.22
N LEU C 147 13.75 -27.64 33.92
CA LEU C 147 12.95 -28.73 33.37
C LEU C 147 11.98 -29.26 34.41
N LYS C 148 12.37 -29.28 35.67
CA LYS C 148 11.48 -29.74 36.71
C LYS C 148 10.33 -28.74 36.90
N ILE C 149 10.63 -27.46 36.71
CA ILE C 149 9.59 -26.45 36.74
C ILE C 149 8.55 -26.66 35.64
N VAL C 150 9.00 -27.04 34.45
CA VAL C 150 8.07 -27.34 33.37
C VAL C 150 7.09 -28.42 33.83
N GLU C 151 7.64 -29.46 34.45
CA GLU C 151 6.85 -30.60 34.87
C GLU C 151 5.81 -30.18 35.91
N LYS C 152 6.23 -29.34 36.85
CA LYS C 152 5.34 -28.87 37.91
C LYS C 152 4.24 -27.99 37.34
N ALA C 153 4.62 -27.12 36.42
CA ALA C 153 3.65 -26.20 35.81
C ALA C 153 2.61 -26.96 35.02
N LYS C 154 3.06 -27.98 34.28
CA LYS C 154 2.13 -28.80 33.49
C LYS C 154 1.16 -29.54 34.42
N GLU C 155 1.68 -30.11 35.50
CA GLU C 155 0.85 -30.88 36.42
C GLU C 155 -0.06 -29.99 37.26
N ALA C 156 0.26 -28.70 37.34
CA ALA C 156 -0.55 -27.75 38.08
C ALA C 156 -1.72 -27.21 37.25
N GLY C 157 -1.74 -27.58 35.97
CA GLY C 157 -2.80 -27.16 35.08
C GLY C 157 -2.55 -25.81 34.46
N CYS C 158 -1.28 -25.40 34.41
CA CYS C 158 -0.93 -24.11 33.86
C CYS C 158 -0.86 -24.14 32.33
N HIS C 159 -1.22 -23.02 31.71
CA HIS C 159 -1.35 -22.94 30.27
C HIS C 159 -0.04 -22.87 29.52
N GLY C 160 0.93 -22.16 30.08
CA GLY C 160 2.12 -21.88 29.33
C GLY C 160 3.35 -21.60 30.15
N LEU C 161 4.40 -21.22 29.42
CA LEU C 161 5.72 -21.02 29.98
C LEU C 161 6.36 -19.78 29.38
N ILE C 162 7.24 -19.16 30.16
CA ILE C 162 8.17 -18.16 29.64
C ILE C 162 9.55 -18.78 29.64
N ALA C 163 10.24 -18.72 28.50
CA ALA C 163 11.57 -19.33 28.41
C ALA C 163 12.51 -18.45 27.60
N PRO C 164 13.83 -18.50 27.88
CA PRO C 164 14.76 -17.66 27.12
C PRO C 164 14.88 -18.07 25.65
N SER C 165 15.12 -17.09 24.79
CA SER C 165 15.32 -17.33 23.36
C SER C 165 16.79 -17.48 23.02
N THR C 166 17.64 -17.22 24.01
CA THR C 166 19.08 -17.15 23.78
C THR C 166 19.82 -18.41 24.22
N ARG C 167 19.10 -19.38 24.75
CA ARG C 167 19.67 -20.68 25.10
C ARG C 167 18.92 -21.74 24.31
N ILE C 168 19.36 -21.96 23.08
CA ILE C 168 18.59 -22.74 22.11
C ILE C 168 18.43 -24.21 22.46
N GLU C 169 19.52 -24.84 22.90
CA GLU C 169 19.47 -26.22 23.35
C GLU C 169 18.53 -26.39 24.55
N ARG C 170 18.62 -25.49 25.53
CA ARG C 170 17.70 -25.49 26.66
C ARG C 170 16.26 -25.28 26.20
N LEU C 171 16.05 -24.36 25.27
CA LEU C 171 14.72 -24.14 24.73
C LEU C 171 14.18 -25.40 24.07
N ARG C 172 15.05 -26.13 23.39
CA ARG C 172 14.68 -27.42 22.81
C ARG C 172 14.21 -28.40 23.88
N GLU C 173 14.98 -28.51 24.96
CA GLU C 173 14.61 -29.36 26.10
C GLU C 173 13.27 -28.92 26.70
N ILE C 174 13.09 -27.61 26.82
CA ILE C 174 11.87 -27.08 27.41
C ILE C 174 10.63 -27.47 26.59
N ARG C 175 10.70 -27.32 25.27
CA ARG C 175 9.59 -27.71 24.41
C ARG C 175 9.27 -29.22 24.52
N LYS C 176 10.32 -30.04 24.53
CA LYS C 176 10.18 -31.49 24.71
C LYS C 176 9.43 -31.81 26.02
N ALA C 177 9.80 -31.14 27.09
CA ALA C 177 9.18 -31.38 28.39
C ALA C 177 7.77 -30.78 28.48
N ALA C 178 7.50 -29.76 27.67
CA ALA C 178 6.27 -28.98 27.79
C ALA C 178 5.11 -29.56 27.01
N GLY C 179 5.41 -30.42 26.04
CA GLY C 179 4.38 -30.94 25.17
C GLY C 179 3.76 -29.77 24.41
N ASP C 180 2.44 -29.62 24.56
CA ASP C 180 1.70 -28.63 23.77
C ASP C 180 1.48 -27.31 24.50
N MET C 181 2.08 -27.14 25.68
CA MET C 181 1.99 -25.87 26.40
C MET C 181 2.49 -24.71 25.55
N GLU C 182 1.89 -23.54 25.76
CA GLU C 182 2.29 -22.35 25.03
C GLU C 182 3.59 -21.78 25.58
N ILE C 183 4.59 -21.63 24.72
CA ILE C 183 5.87 -21.07 25.13
C ILE C 183 6.08 -19.69 24.54
N LEU C 184 6.30 -18.70 25.41
CA LEU C 184 6.63 -17.34 24.97
C LEU C 184 8.09 -17.04 25.30
N CYS C 185 8.79 -16.42 24.36
CA CYS C 185 10.21 -16.09 24.57
C CYS C 185 10.46 -14.61 24.39
N PRO C 186 11.24 -14.02 25.31
CA PRO C 186 11.65 -12.61 25.16
C PRO C 186 12.87 -12.50 24.26
N ILE C 195 15.47 -15.85 15.42
CA ILE C 195 15.03 -16.84 14.43
C ILE C 195 15.24 -18.26 14.93
N GLU C 196 16.35 -18.50 15.63
CA GLU C 196 16.70 -19.85 16.06
C GLU C 196 15.69 -20.40 17.07
N ALA C 197 15.06 -19.49 17.81
CA ALA C 197 14.11 -19.89 18.84
C ALA C 197 12.71 -20.11 18.26
N VAL C 198 12.50 -19.59 17.05
CA VAL C 198 11.16 -19.58 16.44
C VAL C 198 10.54 -20.97 16.30
N LYS C 199 11.35 -21.97 15.94
CA LYS C 199 10.82 -23.33 15.82
C LYS C 199 10.21 -23.87 17.12
N TYR C 200 10.68 -23.37 18.26
CA TYR C 200 10.20 -23.86 19.55
C TYR C 200 9.15 -22.94 20.18
N ALA C 201 9.18 -21.67 19.81
CA ALA C 201 8.35 -20.65 20.46
C ALA C 201 6.98 -20.49 19.81
N ASP C 202 5.98 -20.20 20.63
CA ASP C 202 4.64 -19.90 20.12
C ASP C 202 4.42 -18.40 20.05
N GLY C 203 5.33 -17.66 20.67
CA GLY C 203 5.26 -16.22 20.62
C GLY C 203 6.58 -15.60 20.99
N ILE C 204 6.85 -14.41 20.46
CA ILE C 204 8.05 -13.65 20.78
C ILE C 204 7.66 -12.32 21.41
N ILE C 205 8.37 -11.95 22.47
CA ILE C 205 8.12 -10.71 23.17
C ILE C 205 9.20 -9.70 22.80
N VAL C 206 8.77 -8.57 22.25
CA VAL C 206 9.70 -7.57 21.75
C VAL C 206 9.33 -6.21 22.36
N GLY C 207 10.32 -5.37 22.61
CA GLY C 207 10.03 -4.09 23.24
C GLY C 207 10.24 -2.92 22.31
N ARG C 208 11.19 -2.06 22.69
CA ARG C 208 11.38 -0.78 22.02
C ARG C 208 11.74 -0.94 20.54
N GLY C 209 12.31 -2.08 20.17
CA GLY C 209 12.70 -2.33 18.81
C GLY C 209 11.56 -2.15 17.82
N ILE C 210 10.33 -2.45 18.27
CA ILE C 210 9.17 -2.35 17.41
C ILE C 210 8.84 -0.91 17.03
N TYR C 211 8.89 -0.02 17.99
CA TYR C 211 8.34 1.33 17.79
C TYR C 211 9.34 2.49 17.80
N ALA C 212 10.56 2.24 18.27
CA ALA C 212 11.54 3.31 18.42
C ALA C 212 12.02 3.89 17.09
N SER C 213 11.93 3.11 16.02
CA SER C 213 12.38 3.57 14.71
C SER C 213 11.36 4.48 14.04
N GLY C 214 10.20 4.66 14.68
CA GLY C 214 9.18 5.55 14.14
C GLY C 214 8.34 4.93 13.05
N ASN C 215 8.60 3.66 12.76
CA ASN C 215 7.82 2.93 11.77
C ASN C 215 7.56 1.51 12.26
N PRO C 216 6.63 1.36 13.23
CA PRO C 216 6.32 0.04 13.79
C PRO C 216 5.70 -0.89 12.76
N ALA C 217 5.03 -0.33 11.75
CA ALA C 217 4.43 -1.17 10.73
C ALA C 217 5.52 -1.95 10.01
N GLU C 218 6.61 -1.28 9.67
CA GLU C 218 7.69 -1.94 8.95
C GLU C 218 8.46 -2.91 9.86
N GLU C 219 8.73 -2.51 11.11
CA GLU C 219 9.42 -3.41 12.04
C GLU C 219 8.57 -4.67 12.30
N ALA C 220 7.26 -4.48 12.43
CA ALA C 220 6.38 -5.60 12.68
C ALA C 220 6.34 -6.55 11.50
N ARG C 221 6.38 -6.00 10.29
CA ARG C 221 6.39 -6.86 9.11
C ARG C 221 7.63 -7.75 9.08
N LYS C 222 8.79 -7.19 9.43
CA LYS C 222 10.01 -8.00 9.53
C LYS C 222 9.89 -9.09 10.60
N LEU C 223 9.32 -8.76 11.74
CA LEU C 223 9.17 -9.73 12.81
C LEU C 223 8.17 -10.82 12.45
N ARG C 224 7.09 -10.45 11.77
CA ARG C 224 6.12 -11.45 11.29
C ARG C 224 6.80 -12.41 10.32
N ARG C 225 7.67 -11.88 9.46
CA ARG C 225 8.41 -12.72 8.54
C ARG C 225 9.30 -13.70 9.28
N VAL C 226 9.99 -13.24 10.32
CA VAL C 226 10.82 -14.13 11.11
C VAL C 226 9.98 -15.25 11.75
N LEU C 227 8.78 -14.90 12.17
CA LEU C 227 7.88 -15.83 12.85
C LEU C 227 7.21 -16.82 11.89
N LYS C 228 7.28 -16.52 10.60
CA LYS C 228 6.57 -17.32 9.60
C LYS C 228 7.44 -18.47 9.10
N ILE C 229 7.24 -19.63 9.69
CA ILE C 229 7.78 -20.87 9.15
C ILE C 229 6.64 -21.83 8.82
N MET D 21 0.04 -11.13 1.35
CA MET D 21 0.86 -10.17 0.62
C MET D 21 1.86 -10.86 -0.30
N LYS D 22 2.46 -10.07 -1.19
CA LYS D 22 3.38 -10.65 -2.16
C LYS D 22 4.70 -11.03 -1.52
N GLN D 23 5.30 -12.08 -2.05
CA GLN D 23 6.49 -12.68 -1.45
C GLN D 23 7.78 -12.46 -2.22
N LEU D 24 8.87 -12.42 -1.47
CA LEU D 24 10.21 -12.55 -2.01
C LEU D 24 10.68 -13.94 -1.59
N ILE D 25 11.00 -14.76 -2.57
CA ILE D 25 11.34 -16.16 -2.34
C ILE D 25 12.78 -16.37 -2.77
N LEU D 26 13.61 -16.92 -1.88
CA LEU D 26 15.03 -17.11 -2.16
C LEU D 26 15.30 -18.48 -2.72
N ALA D 27 15.79 -18.51 -3.95
CA ALA D 27 16.26 -19.77 -4.53
C ALA D 27 17.66 -19.97 -4.02
N LEU D 28 17.78 -20.80 -2.98
CA LEU D 28 19.01 -20.94 -2.22
C LEU D 28 19.91 -22.00 -2.85
N ASP D 29 20.43 -21.65 -4.02
CA ASP D 29 21.14 -22.60 -4.87
C ASP D 29 22.63 -22.54 -4.59
N VAL D 30 22.98 -22.89 -3.35
CA VAL D 30 24.36 -23.09 -2.99
C VAL D 30 24.44 -24.58 -2.73
N MET D 31 25.64 -25.15 -2.80
CA MET D 31 25.71 -26.60 -2.62
C MET D 31 26.22 -27.02 -1.25
N ASP D 32 26.72 -26.08 -0.48
CA ASP D 32 27.20 -26.34 0.87
C ASP D 32 26.04 -26.11 1.84
N GLY D 33 25.59 -27.19 2.51
CA GLY D 33 24.43 -27.12 3.37
C GLY D 33 24.58 -26.18 4.56
N GLU D 34 25.80 -26.11 5.09
CA GLU D 34 26.08 -25.24 6.23
C GLU D 34 26.05 -23.78 5.78
N LYS D 35 26.61 -23.52 4.61
CA LYS D 35 26.51 -22.19 4.02
C LYS D 35 25.06 -21.80 3.72
N ALA D 36 24.29 -22.75 3.19
CA ALA D 36 22.88 -22.53 2.96
C ALA D 36 22.15 -22.10 4.24
N MET D 37 22.40 -22.81 5.34
CA MET D 37 21.76 -22.46 6.60
C MET D 37 22.17 -21.06 7.09
N GLU D 38 23.44 -20.71 6.92
CA GLU D 38 23.92 -19.40 7.35
C GLU D 38 23.20 -18.28 6.61
N ILE D 39 23.10 -18.42 5.30
CA ILE D 39 22.42 -17.45 4.46
C ILE D 39 20.93 -17.34 4.83
N ALA D 40 20.26 -18.49 4.96
CA ALA D 40 18.87 -18.53 5.35
C ALA D 40 18.62 -17.75 6.65
N LYS D 41 19.44 -17.99 7.66
CA LYS D 41 19.30 -17.25 8.92
C LYS D 41 19.47 -15.74 8.71
N LYS D 42 20.42 -15.37 7.87
CA LYS D 42 20.70 -13.96 7.62
C LYS D 42 19.55 -13.19 6.98
N VAL D 43 18.77 -13.86 6.13
CA VAL D 43 17.75 -13.18 5.35
C VAL D 43 16.33 -13.35 5.89
N ALA D 44 16.21 -13.86 7.12
CA ALA D 44 14.90 -14.23 7.64
C ALA D 44 13.90 -13.07 7.78
N GLU D 45 14.40 -11.86 8.00
CA GLU D 45 13.50 -10.71 8.13
C GLU D 45 12.92 -10.26 6.82
N HIS D 46 13.55 -10.66 5.71
CA HIS D 46 13.26 -10.05 4.42
C HIS D 46 12.72 -11.02 3.37
N VAL D 47 12.93 -12.31 3.60
CA VAL D 47 12.50 -13.35 2.65
C VAL D 47 11.34 -14.15 3.24
N ASP D 48 10.38 -14.51 2.40
CA ASP D 48 9.19 -15.22 2.88
C ASP D 48 9.30 -16.74 2.86
N ARG D 49 9.98 -17.27 1.85
CA ARG D 49 10.12 -18.71 1.68
C ARG D 49 11.45 -19.00 1.02
N ILE D 50 11.91 -20.23 1.19
CA ILE D 50 13.16 -20.68 0.57
C ILE D 50 12.84 -21.80 -0.38
N LYS D 51 13.37 -21.73 -1.59
CA LYS D 51 13.21 -22.79 -2.57
C LYS D 51 14.54 -23.50 -2.73
N VAL D 52 14.52 -24.84 -2.61
CA VAL D 52 15.72 -25.64 -2.84
C VAL D 52 15.60 -26.49 -4.10
N ASN D 53 16.74 -26.88 -4.65
CA ASN D 53 16.77 -27.68 -5.86
C ASN D 53 17.71 -28.87 -5.60
N TYR D 54 17.88 -29.71 -6.61
CA TYR D 54 18.66 -30.91 -6.46
C TYR D 54 20.16 -30.74 -6.16
N PRO D 55 20.84 -29.75 -6.76
CA PRO D 55 22.28 -29.71 -6.42
C PRO D 55 22.53 -29.57 -4.92
N LEU D 56 21.76 -28.73 -4.23
CA LEU D 56 21.86 -28.65 -2.78
C LEU D 56 21.43 -29.93 -2.09
N VAL D 57 20.27 -30.46 -2.49
CA VAL D 57 19.72 -31.64 -1.84
C VAL D 57 20.60 -32.89 -2.02
N LEU D 58 21.17 -33.06 -3.20
CA LEU D 58 22.07 -34.18 -3.44
C LEU D 58 23.40 -33.99 -2.71
N SER D 59 23.85 -32.75 -2.58
CA SER D 59 25.12 -32.50 -1.93
C SER D 59 25.01 -32.63 -0.41
N ALA D 60 23.95 -32.06 0.16
CA ALA D 60 23.82 -31.98 1.63
C ALA D 60 22.96 -33.08 2.21
N GLY D 61 22.23 -33.79 1.34
CA GLY D 61 21.26 -34.76 1.80
C GLY D 61 19.88 -34.13 1.92
N VAL D 62 18.84 -34.94 1.75
CA VAL D 62 17.47 -34.44 1.75
C VAL D 62 17.07 -33.85 3.10
N GLY D 63 17.78 -34.28 4.15
CA GLY D 63 17.58 -33.75 5.49
C GLY D 63 17.88 -32.26 5.61
N ILE D 64 18.58 -31.69 4.64
CA ILE D 64 18.83 -30.25 4.67
C ILE D 64 17.49 -29.50 4.57
N MET D 65 16.49 -30.14 3.98
CA MET D 65 15.18 -29.51 3.88
C MET D 65 14.51 -29.39 5.25
N LYS D 66 14.71 -30.39 6.11
CA LYS D 66 14.15 -30.33 7.45
C LYS D 66 14.82 -29.20 8.22
N ARG D 67 16.15 -29.11 8.11
CA ARG D 67 16.89 -28.04 8.77
C ARG D 67 16.43 -26.66 8.27
N LEU D 68 16.31 -26.51 6.97
CA LEU D 68 15.89 -25.23 6.44
C LEU D 68 14.46 -24.88 6.82
N SER D 69 13.60 -25.89 6.99
CA SER D 69 12.19 -25.69 7.32
C SER D 69 11.98 -25.09 8.71
N GLU D 70 13.03 -25.15 9.53
CA GLU D 70 12.99 -24.55 10.85
C GLU D 70 13.28 -23.05 10.81
N ILE D 71 13.66 -22.57 9.63
CA ILE D 71 13.96 -21.15 9.40
C ILE D 71 12.91 -20.47 8.49
N LYS D 72 12.49 -21.17 7.44
CA LYS D 72 11.48 -20.69 6.47
C LYS D 72 10.70 -21.87 5.89
N PRO D 73 9.46 -21.63 5.43
CA PRO D 73 8.79 -22.67 4.65
C PRO D 73 9.63 -22.99 3.41
N VAL D 74 9.73 -24.26 3.06
CA VAL D 74 10.62 -24.73 1.99
C VAL D 74 9.87 -25.28 0.78
N ILE D 75 10.17 -24.74 -0.39
CA ILE D 75 9.62 -25.23 -1.66
C ILE D 75 10.66 -26.14 -2.28
N ALA D 76 10.31 -27.41 -2.49
CA ALA D 76 11.24 -28.36 -3.11
C ALA D 76 11.10 -28.25 -4.62
N ASP D 77 12.02 -27.50 -5.25
CA ASP D 77 12.02 -27.36 -6.70
C ASP D 77 12.72 -28.58 -7.30
N PHE D 78 11.97 -29.67 -7.42
CA PHE D 78 12.52 -30.91 -7.95
C PHE D 78 12.10 -31.13 -9.41
N LYS D 79 11.41 -30.15 -10.00
CA LYS D 79 11.00 -30.22 -11.41
C LYS D 79 10.46 -31.60 -11.73
N ILE D 80 9.54 -32.07 -10.90
CA ILE D 80 9.13 -33.47 -10.94
C ILE D 80 8.56 -33.81 -12.32
N ALA D 81 9.12 -34.84 -12.94
CA ALA D 81 8.87 -35.04 -14.37
C ALA D 81 8.93 -36.51 -14.72
N ASP D 82 8.24 -37.32 -13.94
CA ASP D 82 8.22 -38.75 -14.22
C ASP D 82 6.79 -39.30 -14.34
N VAL D 83 6.69 -40.60 -14.53
CA VAL D 83 5.38 -41.26 -14.54
C VAL D 83 4.76 -41.08 -13.15
N PRO D 84 3.42 -41.23 -13.03
CA PRO D 84 2.76 -40.93 -11.75
C PRO D 84 3.35 -41.58 -10.51
N TYR D 85 3.67 -42.87 -10.57
CA TYR D 85 4.12 -43.58 -9.39
C TYR D 85 5.45 -43.05 -8.85
N THR D 86 6.43 -42.87 -9.74
CA THR D 86 7.73 -42.36 -9.35
C THR D 86 7.61 -40.91 -8.87
N SER D 87 6.86 -40.10 -9.63
CA SER D 87 6.60 -38.72 -9.28
C SER D 87 5.96 -38.63 -7.90
N SER D 88 5.06 -39.56 -7.60
CA SER D 88 4.39 -39.61 -6.30
C SER D 88 5.39 -39.82 -5.17
N LEU D 89 6.29 -40.77 -5.37
CA LEU D 89 7.28 -41.12 -4.37
C LEU D 89 8.23 -39.93 -4.11
N ILE D 90 8.60 -39.22 -5.17
CA ILE D 90 9.50 -38.10 -5.04
C ILE D 90 8.84 -37.00 -4.22
N ALA D 91 7.61 -36.67 -4.58
CA ALA D 91 6.86 -35.68 -3.82
C ALA D 91 6.72 -36.12 -2.37
N ARG D 92 6.35 -37.38 -2.16
CA ARG D 92 6.18 -37.90 -0.79
C ARG D 92 7.45 -37.71 0.03
N ILE D 93 8.60 -38.03 -0.54
CA ILE D 93 9.85 -37.90 0.19
C ILE D 93 10.13 -36.42 0.54
N ALA D 94 9.78 -35.52 -0.38
CA ALA D 94 9.96 -34.10 -0.12
C ALA D 94 9.13 -33.70 1.09
N PHE D 95 7.87 -34.15 1.12
CA PHE D 95 6.97 -33.76 2.21
C PHE D 95 7.33 -34.44 3.53
N GLU D 96 7.86 -35.66 3.45
CA GLU D 96 8.34 -36.33 4.65
C GLU D 96 9.56 -35.63 5.25
N ASN D 97 10.25 -34.86 4.41
CA ASN D 97 11.38 -34.04 4.86
C ASN D 97 11.03 -32.58 5.02
N SER D 98 9.75 -32.35 5.31
CA SER D 98 9.25 -31.05 5.78
C SER D 98 9.06 -29.97 4.73
N ALA D 99 9.08 -30.32 3.45
CA ALA D 99 8.79 -29.32 2.44
C ALA D 99 7.37 -28.84 2.62
N GLU D 100 7.16 -27.55 2.34
N GLU D 100 7.14 -27.55 2.34
CA GLU D 100 5.84 -26.93 2.34
CA GLU D 100 5.78 -27.00 2.36
C GLU D 100 5.15 -27.23 1.02
C GLU D 100 5.13 -27.14 0.99
N SER D 101 5.95 -27.32 -0.03
CA SER D 101 5.42 -27.50 -1.37
C SER D 101 6.47 -28.15 -2.27
N VAL D 102 6.01 -28.63 -3.43
CA VAL D 102 6.91 -29.17 -4.46
C VAL D 102 6.57 -28.54 -5.80
N ILE D 103 7.52 -28.59 -6.73
CA ILE D 103 7.31 -28.09 -8.08
C ILE D 103 7.34 -29.27 -9.06
N VAL D 104 6.32 -29.31 -9.92
CA VAL D 104 6.13 -30.40 -10.87
C VAL D 104 6.03 -29.82 -12.27
N HIS D 105 6.55 -30.54 -13.26
CA HIS D 105 6.37 -30.14 -14.66
C HIS D 105 4.98 -30.50 -15.17
N GLY D 106 4.26 -29.52 -15.69
CA GLY D 106 2.96 -29.82 -16.27
C GLY D 106 3.08 -30.59 -17.57
N PHE D 107 4.20 -30.48 -18.26
N PHE D 107 4.23 -30.48 -18.23
CA PHE D 107 4.29 -31.09 -19.59
CA PHE D 107 4.43 -31.06 -19.56
C PHE D 107 4.17 -32.62 -19.57
C PHE D 107 4.27 -32.59 -19.59
N VAL D 108 4.51 -33.24 -18.45
CA VAL D 108 4.45 -34.70 -18.38
C VAL D 108 3.03 -35.27 -18.28
N GLY D 109 2.04 -34.39 -18.14
CA GLY D 109 0.64 -34.81 -18.25
C GLY D 109 -0.19 -34.82 -16.99
N SER D 110 -1.50 -34.95 -17.18
CA SER D 110 -2.50 -34.81 -16.09
C SER D 110 -2.45 -35.91 -15.04
N ASP D 111 -2.06 -37.12 -15.43
CA ASP D 111 -2.00 -38.20 -14.44
C ASP D 111 -0.96 -37.90 -13.36
N THR D 112 0.19 -37.41 -13.78
CA THR D 112 1.20 -37.03 -12.81
C THR D 112 0.77 -35.80 -12.01
N LEU D 113 0.19 -34.80 -12.68
CA LEU D 113 -0.31 -33.65 -11.94
C LEU D 113 -1.36 -34.06 -10.90
N ARG D 114 -2.32 -34.89 -11.27
CA ARG D 114 -3.35 -35.31 -10.32
C ARG D 114 -2.76 -36.05 -9.11
N GLU D 115 -1.85 -36.97 -9.38
CA GLU D 115 -1.26 -37.78 -8.33
C GLU D 115 -0.41 -36.94 -7.37
N VAL D 116 0.46 -36.10 -7.91
CA VAL D 116 1.32 -35.26 -7.06
C VAL D 116 0.51 -34.23 -6.30
N CYS D 117 -0.47 -33.62 -6.96
CA CYS D 117 -1.27 -32.62 -6.26
C CYS D 117 -2.11 -33.23 -5.14
N ARG D 118 -2.59 -34.47 -5.34
CA ARG D 118 -3.30 -35.19 -4.28
C ARG D 118 -2.37 -35.57 -3.12
N VAL D 119 -1.19 -36.11 -3.44
CA VAL D 119 -0.21 -36.43 -2.39
C VAL D 119 0.15 -35.21 -1.54
N ALA D 120 0.37 -34.09 -2.21
CA ALA D 120 0.65 -32.83 -1.52
C ALA D 120 -0.45 -32.49 -0.53
N GLU D 121 -1.70 -32.60 -0.97
CA GLU D 121 -2.82 -32.26 -0.08
C GLU D 121 -2.91 -33.22 1.10
N GLU D 122 -2.48 -34.46 0.92
CA GLU D 122 -2.45 -35.42 2.01
C GLU D 122 -1.42 -35.04 3.10
N PHE D 123 -0.48 -34.18 2.73
CA PHE D 123 0.52 -33.67 3.67
C PHE D 123 0.24 -32.22 4.09
N GLY D 124 -0.89 -31.68 3.65
CA GLY D 124 -1.24 -30.30 3.94
C GLY D 124 -0.36 -29.31 3.20
N GLY D 125 0.24 -29.77 2.11
CA GLY D 125 1.13 -28.93 1.31
C GLY D 125 0.57 -28.54 -0.04
N LYS D 126 1.41 -27.92 -0.86
CA LYS D 126 0.97 -27.32 -2.12
C LYS D 126 1.85 -27.79 -3.28
N VAL D 127 1.31 -27.66 -4.49
CA VAL D 127 2.06 -27.96 -5.71
C VAL D 127 2.02 -26.76 -6.66
N TYR D 128 3.17 -26.44 -7.22
CA TYR D 128 3.26 -25.45 -8.29
C TYR D 128 3.68 -26.15 -9.56
N ALA D 129 2.92 -25.96 -10.63
CA ALA D 129 3.18 -26.60 -11.91
C ALA D 129 3.97 -25.67 -12.82
N VAL D 130 5.04 -26.17 -13.41
CA VAL D 130 5.82 -25.34 -14.32
C VAL D 130 5.09 -25.17 -15.65
N THR D 131 4.90 -23.92 -16.08
CA THR D 131 4.32 -23.65 -17.38
C THR D 131 5.38 -23.69 -18.48
N GLU D 132 6.43 -22.91 -18.32
CA GLU D 132 7.54 -22.90 -19.25
C GLU D 132 8.78 -22.41 -18.50
N LEU D 133 9.94 -22.99 -18.80
CA LEU D 133 11.18 -22.52 -18.19
C LEU D 133 11.56 -21.15 -18.71
N SER D 134 12.30 -20.40 -17.89
CA SER D 134 12.71 -19.06 -18.24
C SER D 134 13.90 -19.02 -19.21
N SER D 135 14.52 -20.17 -19.44
CA SER D 135 15.66 -20.26 -20.34
C SER D 135 15.23 -20.23 -21.79
N PRO D 136 16.16 -19.91 -22.72
CA PRO D 136 15.78 -19.85 -24.13
C PRO D 136 15.16 -21.15 -24.64
N GLY D 137 15.65 -22.28 -24.11
CA GLY D 137 15.16 -23.58 -24.52
C GLY D 137 13.70 -23.78 -24.21
N GLY D 138 13.20 -23.07 -23.19
CA GLY D 138 11.78 -23.11 -22.85
C GLY D 138 10.88 -22.73 -24.01
N GLU D 139 11.40 -21.94 -24.95
CA GLU D 139 10.62 -21.47 -26.08
C GLU D 139 10.39 -22.55 -27.14
N GLU D 140 11.22 -23.59 -27.12
CA GLU D 140 11.21 -24.61 -28.16
C GLU D 140 9.98 -25.52 -28.14
N PHE D 141 9.62 -26.00 -26.96
CA PHE D 141 8.46 -26.88 -26.84
C PHE D 141 7.47 -26.40 -25.77
N MET D 142 7.98 -25.81 -24.69
CA MET D 142 7.12 -25.47 -23.57
C MET D 142 6.20 -24.29 -23.85
N SER D 143 6.74 -23.25 -24.48
CA SER D 143 5.97 -22.04 -24.76
C SER D 143 4.65 -22.36 -25.46
N ALA D 144 4.68 -23.31 -26.39
CA ALA D 144 3.51 -23.65 -27.19
C ALA D 144 2.39 -24.34 -26.40
N VAL D 145 2.71 -24.90 -25.25
CA VAL D 145 1.69 -25.60 -24.46
C VAL D 145 1.49 -24.99 -23.09
N SER D 146 2.15 -23.87 -22.85
CA SER D 146 2.12 -23.21 -21.54
C SER D 146 0.69 -22.95 -21.04
N LEU D 147 -0.16 -22.39 -21.91
CA LEU D 147 -1.51 -22.03 -21.50
C LEU D 147 -2.36 -23.27 -21.28
N LYS D 148 -2.11 -24.31 -22.07
CA LYS D 148 -2.80 -25.58 -21.88
C LYS D 148 -2.40 -26.24 -20.56
N ILE D 149 -1.13 -26.08 -20.18
CA ILE D 149 -0.65 -26.59 -18.90
C ILE D 149 -1.38 -25.91 -17.74
N VAL D 150 -1.64 -24.61 -17.87
CA VAL D 150 -2.36 -23.89 -16.81
C VAL D 150 -3.71 -24.56 -16.55
N GLU D 151 -4.46 -24.82 -17.63
CA GLU D 151 -5.78 -25.45 -17.50
C GLU D 151 -5.71 -26.86 -16.94
N LYS D 152 -4.71 -27.63 -17.36
CA LYS D 152 -4.53 -29.00 -16.85
C LYS D 152 -4.21 -28.96 -15.36
N ALA D 153 -3.36 -28.02 -14.96
CA ALA D 153 -2.96 -27.93 -13.56
C ALA D 153 -4.16 -27.51 -12.71
N LYS D 154 -4.93 -26.55 -13.22
CA LYS D 154 -6.14 -26.13 -12.52
C LYS D 154 -7.11 -27.30 -12.35
N GLU D 155 -7.32 -28.04 -13.43
CA GLU D 155 -8.28 -29.14 -13.42
C GLU D 155 -7.81 -30.32 -12.58
N ALA D 156 -6.49 -30.43 -12.41
CA ALA D 156 -5.89 -31.50 -11.62
C ALA D 156 -5.93 -31.19 -10.12
N GLY D 157 -6.37 -29.98 -9.79
CA GLY D 157 -6.51 -29.57 -8.41
C GLY D 157 -5.24 -28.99 -7.83
N CYS D 158 -4.36 -28.52 -8.70
CA CYS D 158 -3.09 -27.97 -8.26
C CYS D 158 -3.23 -26.51 -7.80
N HIS D 159 -2.30 -26.09 -6.95
CA HIS D 159 -2.47 -24.88 -6.18
C HIS D 159 -1.86 -23.67 -6.87
N GLY D 160 -0.79 -23.90 -7.61
CA GLY D 160 -0.03 -22.78 -8.14
C GLY D 160 0.70 -23.10 -9.43
N LEU D 161 1.37 -22.08 -9.94
CA LEU D 161 2.12 -22.15 -11.19
C LEU D 161 3.47 -21.49 -11.01
N ILE D 162 4.47 -22.00 -11.72
CA ILE D 162 5.72 -21.28 -11.93
C ILE D 162 5.69 -20.72 -13.36
N ALA D 163 6.00 -19.43 -13.51
CA ALA D 163 5.98 -18.79 -14.85
C ALA D 163 7.07 -17.71 -14.93
N PRO D 164 7.68 -17.54 -16.11
CA PRO D 164 8.76 -16.55 -16.25
C PRO D 164 8.30 -15.12 -16.05
N SER D 165 9.16 -14.29 -15.48
CA SER D 165 8.88 -12.85 -15.39
C SER D 165 9.37 -12.14 -16.64
N THR D 166 10.19 -12.83 -17.43
CA THR D 166 10.91 -12.18 -18.52
C THR D 166 10.10 -12.13 -19.81
N ARG D 167 8.96 -12.81 -19.81
CA ARG D 167 8.05 -12.79 -20.94
C ARG D 167 6.74 -12.20 -20.47
N ILE D 168 6.67 -10.87 -20.45
CA ILE D 168 5.58 -10.20 -19.72
C ILE D 168 4.21 -10.44 -20.34
N GLU D 169 4.13 -10.37 -21.66
CA GLU D 169 2.89 -10.65 -22.37
C GLU D 169 2.39 -12.05 -22.02
N ARG D 170 3.31 -13.02 -22.04
CA ARG D 170 2.97 -14.38 -21.69
C ARG D 170 2.50 -14.49 -20.21
N LEU D 171 3.15 -13.76 -19.32
CA LEU D 171 2.75 -13.79 -17.91
C LEU D 171 1.33 -13.24 -17.72
N ARG D 172 1.02 -12.17 -18.44
CA ARG D 172 -0.33 -11.64 -18.44
C ARG D 172 -1.33 -12.70 -18.90
N GLU D 173 -0.99 -13.43 -19.96
CA GLU D 173 -1.87 -14.48 -20.49
C GLU D 173 -2.06 -15.59 -19.47
N ILE D 174 -0.98 -15.93 -18.78
CA ILE D 174 -1.02 -16.98 -17.78
C ILE D 174 -1.90 -16.55 -16.60
N ARG D 175 -1.73 -15.32 -16.13
CA ARG D 175 -2.56 -14.81 -15.04
C ARG D 175 -4.04 -14.85 -15.42
N LYS D 176 -4.35 -14.44 -16.65
CA LYS D 176 -5.72 -14.48 -17.13
C LYS D 176 -6.28 -15.91 -17.07
N ALA D 177 -5.50 -16.87 -17.55
CA ALA D 177 -5.91 -18.27 -17.59
C ALA D 177 -5.93 -18.90 -16.18
N ALA D 178 -5.06 -18.42 -15.30
CA ALA D 178 -4.90 -19.00 -13.98
C ALA D 178 -6.03 -18.62 -13.02
N GLY D 179 -6.70 -17.51 -13.30
CA GLY D 179 -7.67 -16.98 -12.36
C GLY D 179 -6.99 -16.55 -11.08
N ASP D 180 -7.32 -17.23 -9.98
CA ASP D 180 -6.72 -16.89 -8.69
C ASP D 180 -5.62 -17.86 -8.22
N MET D 181 -5.18 -18.77 -9.08
CA MET D 181 -4.06 -19.65 -8.73
C MET D 181 -2.86 -18.82 -8.33
N GLU D 182 -2.04 -19.35 -7.45
CA GLU D 182 -0.85 -18.65 -7.03
C GLU D 182 0.19 -18.75 -8.13
N ILE D 183 0.82 -17.65 -8.47
CA ILE D 183 1.86 -17.67 -9.48
C ILE D 183 3.18 -17.17 -8.90
N LEU D 184 4.23 -17.97 -9.05
CA LEU D 184 5.57 -17.55 -8.65
C LEU D 184 6.45 -17.40 -9.88
N CYS D 185 7.25 -16.33 -9.92
CA CYS D 185 8.03 -16.01 -11.10
C CYS D 185 9.50 -15.87 -10.76
N PRO D 186 10.36 -16.68 -11.38
CA PRO D 186 11.82 -16.52 -11.28
C PRO D 186 12.30 -15.23 -11.94
N SER D 194 11.27 -8.18 -13.66
CA SER D 194 10.81 -8.58 -12.34
C SER D 194 9.90 -7.52 -11.72
N ILE D 195 10.26 -6.25 -11.88
CA ILE D 195 9.43 -5.16 -11.36
C ILE D 195 8.04 -5.18 -11.99
N GLU D 196 8.00 -5.36 -13.31
CA GLU D 196 6.76 -5.35 -14.06
C GLU D 196 5.91 -6.59 -13.69
N ALA D 197 6.59 -7.69 -13.39
CA ALA D 197 5.95 -8.96 -13.08
C ALA D 197 5.18 -8.95 -11.76
N VAL D 198 5.61 -8.10 -10.83
CA VAL D 198 5.01 -8.03 -9.50
C VAL D 198 3.49 -7.88 -9.57
N LYS D 199 3.03 -7.08 -10.52
CA LYS D 199 1.62 -6.86 -10.75
C LYS D 199 0.82 -8.15 -10.93
N TYR D 200 1.42 -9.13 -11.58
CA TYR D 200 0.73 -10.37 -11.93
C TYR D 200 1.12 -11.56 -11.07
N ALA D 201 2.23 -11.42 -10.35
CA ALA D 201 2.80 -12.51 -9.58
C ALA D 201 2.40 -12.43 -8.12
N ASP D 202 2.31 -13.59 -7.47
CA ASP D 202 2.15 -13.62 -6.02
C ASP D 202 3.48 -13.71 -5.29
N GLY D 203 4.53 -14.08 -6.00
CA GLY D 203 5.86 -14.11 -5.45
C GLY D 203 6.92 -13.99 -6.51
N ILE D 204 8.03 -13.37 -6.15
CA ILE D 204 9.18 -13.23 -7.06
C ILE D 204 10.32 -14.09 -6.50
N ILE D 205 10.84 -14.98 -7.32
CA ILE D 205 11.94 -15.86 -6.92
C ILE D 205 13.27 -15.25 -7.36
N VAL D 206 14.16 -15.01 -6.41
CA VAL D 206 15.49 -14.50 -6.69
C VAL D 206 16.55 -15.46 -6.14
N GLY D 207 17.61 -15.70 -6.90
CA GLY D 207 18.66 -16.60 -6.43
C GLY D 207 19.97 -15.91 -6.10
N ARG D 208 20.94 -16.05 -7.02
CA ARG D 208 22.31 -15.61 -6.77
C ARG D 208 22.49 -14.13 -6.40
N GLY D 209 21.62 -13.27 -6.91
CA GLY D 209 21.66 -11.86 -6.56
C GLY D 209 21.65 -11.65 -5.06
N ILE D 210 20.92 -12.50 -4.35
CA ILE D 210 20.95 -12.48 -2.89
C ILE D 210 22.04 -13.39 -2.30
N TYR D 211 22.04 -14.68 -2.67
CA TYR D 211 22.90 -15.62 -1.96
C TYR D 211 24.38 -15.47 -2.26
N ALA D 212 24.72 -14.87 -3.40
CA ALA D 212 26.11 -14.68 -3.76
C ALA D 212 26.63 -13.32 -3.33
N SER D 213 25.75 -12.52 -2.73
CA SER D 213 26.13 -11.18 -2.26
C SER D 213 27.06 -11.24 -1.05
N GLY D 214 27.86 -10.19 -0.88
CA GLY D 214 28.70 -10.06 0.29
C GLY D 214 27.85 -9.76 1.51
N ASN D 215 26.65 -9.25 1.27
CA ASN D 215 25.71 -8.97 2.35
C ASN D 215 24.30 -9.36 1.92
N PRO D 216 23.98 -10.65 2.08
CA PRO D 216 22.70 -11.20 1.61
C PRO D 216 21.51 -10.51 2.25
N ALA D 217 21.61 -10.18 3.54
CA ALA D 217 20.49 -9.53 4.22
C ALA D 217 20.19 -8.16 3.62
N GLU D 218 21.25 -7.40 3.36
CA GLU D 218 21.08 -6.06 2.81
C GLU D 218 20.53 -6.14 1.39
N GLU D 219 20.99 -7.14 0.64
CA GLU D 219 20.52 -7.29 -0.74
C GLU D 219 19.04 -7.71 -0.78
N ALA D 220 18.64 -8.58 0.13
CA ALA D 220 17.24 -8.99 0.21
C ALA D 220 16.36 -7.79 0.57
N ARG D 221 16.79 -6.98 1.53
CA ARG D 221 16.05 -5.79 1.95
C ARG D 221 15.88 -4.82 0.79
N LYS D 222 16.97 -4.58 0.07
CA LYS D 222 16.97 -3.70 -1.10
C LYS D 222 16.01 -4.16 -2.20
N LEU D 223 15.99 -5.47 -2.47
CA LEU D 223 15.12 -6.00 -3.53
C LEU D 223 13.64 -5.86 -3.19
N ARG D 224 13.28 -6.09 -1.92
CA ARG D 224 11.89 -5.85 -1.49
C ARG D 224 11.47 -4.43 -1.83
N ARG D 225 12.36 -3.47 -1.58
CA ARG D 225 12.05 -2.06 -1.87
C ARG D 225 11.91 -1.82 -3.38
N VAL D 226 12.86 -2.35 -4.14
CA VAL D 226 12.86 -2.20 -5.60
C VAL D 226 11.63 -2.84 -6.25
N LEU D 227 11.25 -4.02 -5.76
CA LEU D 227 10.09 -4.73 -6.30
C LEU D 227 8.77 -4.13 -5.79
N LYS D 228 8.88 -3.32 -4.75
CA LYS D 228 7.73 -2.69 -4.09
C LYS D 228 6.78 -3.72 -3.47
N ILE D 229 7.34 -4.70 -2.76
CA ILE D 229 6.54 -5.70 -2.06
C ILE D 229 6.88 -5.70 -0.57
#